data_1KQD
#
_entry.id   1KQD
#
_cell.length_a   52.830
_cell.length_b   79.980
_cell.length_c   97.250
_cell.angle_alpha   90.00
_cell.angle_beta   93.62
_cell.angle_gamma   90.00
#
_symmetry.space_group_name_H-M   'P 1 21 1'
#
loop_
_entity.id
_entity.type
_entity.pdbx_description
1 polymer 'OXYGEN-INSENSITIVE NAD(P)H NITROREDUCTASE'
2 non-polymer 'FLAVIN MONONUCLEOTIDE'
3 water water
#
_entity_poly.entity_id   1
_entity_poly.type   'polypeptide(L)'
_entity_poly.pdbx_seq_one_letter_code
;MDIISVALKRHSTKAFDASKKLTAEEAEKIKTLLQYSPSSTNSQPWHFIVASTEEGKARVAKSAAGTYVFNERKMLDASH
VVVFCAKTAMDDAWLERVVDQEEADGRFNTPEAKAANHKGRTYFADMHRVDLKDDDQWMAKQVYLNVGNFLLGVGAMGLD
AVPIEGFDAAILDEEFGLKEKGFTSLVVVPVGHHSVEDFNATLPKSRLPLSTIVTEC
;
_entity_poly.pdbx_strand_id   A,B,C,D
#
loop_
_chem_comp.id
_chem_comp.type
_chem_comp.name
_chem_comp.formula
FMN non-polymer 'FLAVIN MONONUCLEOTIDE' 'C17 H21 N4 O9 P'
#
# COMPACT_ATOMS: atom_id res chain seq x y z
N ASP A 2 16.02 -3.45 6.90
CA ASP A 2 16.17 -2.28 5.96
C ASP A 2 16.94 -2.72 4.72
N ILE A 3 16.18 -3.06 3.68
CA ILE A 3 16.77 -3.54 2.44
C ILE A 3 17.75 -2.58 1.77
N ILE A 4 17.55 -1.28 1.97
CA ILE A 4 18.46 -0.31 1.36
C ILE A 4 19.83 -0.41 2.04
N SER A 5 19.84 -0.60 3.36
CA SER A 5 21.10 -0.74 4.08
C SER A 5 21.80 -2.00 3.59
N VAL A 6 21.01 -3.04 3.31
CA VAL A 6 21.55 -4.29 2.81
C VAL A 6 22.21 -4.05 1.45
N ALA A 7 21.55 -3.29 0.60
CA ALA A 7 22.08 -2.98 -0.73
C ALA A 7 23.38 -2.17 -0.63
N LEU A 8 23.44 -1.31 0.38
CA LEU A 8 24.61 -0.48 0.58
C LEU A 8 25.71 -1.23 1.36
N LYS A 9 25.37 -2.39 1.91
CA LYS A 9 26.35 -3.16 2.68
C LYS A 9 26.83 -4.46 2.03
N ARG A 10 25.94 -5.17 1.36
CA ARG A 10 26.34 -6.43 0.72
C ARG A 10 27.52 -6.17 -0.22
N HIS A 11 28.39 -7.15 -0.38
CA HIS A 11 29.55 -6.99 -1.25
C HIS A 11 30.03 -8.32 -1.81
N SER A 12 30.82 -8.26 -2.87
CA SER A 12 31.35 -9.48 -3.47
C SER A 12 32.49 -9.98 -2.59
N THR A 13 32.23 -11.10 -1.93
CA THR A 13 33.21 -11.71 -1.05
C THR A 13 34.43 -12.16 -1.85
N LYS A 14 35.62 -11.87 -1.33
CA LYS A 14 36.85 -12.25 -2.01
C LYS A 14 37.47 -13.51 -1.42
N ALA A 15 37.08 -13.83 -0.19
CA ALA A 15 37.60 -15.02 0.49
C ALA A 15 36.61 -15.55 1.52
N PHE A 16 36.40 -16.86 1.52
CA PHE A 16 35.47 -17.47 2.48
C PHE A 16 36.16 -18.28 3.56
N ASP A 17 35.52 -18.36 4.71
CA ASP A 17 36.02 -19.13 5.83
C ASP A 17 35.60 -20.57 5.53
N ALA A 18 36.56 -21.42 5.20
CA ALA A 18 36.27 -22.81 4.86
C ALA A 18 35.65 -23.64 5.98
N SER A 19 35.62 -23.11 7.20
CA SER A 19 35.07 -23.87 8.32
C SER A 19 33.61 -23.53 8.60
N LYS A 20 33.16 -22.35 8.16
CA LYS A 20 31.79 -21.93 8.39
C LYS A 20 30.84 -22.40 7.29
N LYS A 21 29.85 -23.20 7.70
CA LYS A 21 28.87 -23.74 6.75
C LYS A 21 27.50 -23.15 6.97
N LEU A 22 26.64 -23.25 5.95
CA LEU A 22 25.28 -22.74 6.09
C LEU A 22 24.58 -23.75 6.99
N THR A 23 23.62 -23.28 7.79
CA THR A 23 22.87 -24.18 8.64
C THR A 23 21.91 -24.89 7.69
N ALA A 24 21.28 -25.97 8.18
CA ALA A 24 20.34 -26.73 7.36
C ALA A 24 19.21 -25.83 6.90
N GLU A 25 18.77 -24.93 7.78
CA GLU A 25 17.68 -24.03 7.44
C GLU A 25 18.10 -23.04 6.36
N GLU A 26 19.31 -22.49 6.48
CA GLU A 26 19.80 -21.54 5.49
C GLU A 26 19.92 -22.22 4.13
N ALA A 27 20.34 -23.48 4.13
CA ALA A 27 20.48 -24.24 2.90
C ALA A 27 19.13 -24.36 2.20
N GLU A 28 18.08 -24.59 2.98
CA GLU A 28 16.74 -24.71 2.39
C GLU A 28 16.28 -23.35 1.88
N LYS A 29 16.61 -22.29 2.61
CA LYS A 29 16.21 -20.95 2.20
C LYS A 29 16.84 -20.47 0.89
N ILE A 30 18.13 -20.72 0.67
CA ILE A 30 18.73 -20.27 -0.57
C ILE A 30 18.14 -21.01 -1.77
N LYS A 31 17.67 -22.24 -1.56
CA LYS A 31 17.05 -22.98 -2.66
C LYS A 31 15.68 -22.39 -2.95
N THR A 32 15.01 -21.93 -1.90
CA THR A 32 13.70 -21.32 -2.04
C THR A 32 13.86 -20.05 -2.89
N LEU A 33 14.96 -19.32 -2.66
CA LEU A 33 15.24 -18.10 -3.41
C LEU A 33 15.41 -18.40 -4.89
N LEU A 34 16.15 -19.46 -5.19
CA LEU A 34 16.40 -19.86 -6.58
C LEU A 34 15.08 -20.20 -7.28
N GLN A 35 14.27 -21.01 -6.61
CA GLN A 35 13.00 -21.47 -7.13
C GLN A 35 11.94 -20.38 -7.35
N TYR A 36 11.79 -19.47 -6.39
CA TYR A 36 10.76 -18.45 -6.49
C TYR A 36 11.05 -17.13 -7.20
N SER A 37 12.20 -17.04 -7.86
CA SER A 37 12.51 -15.83 -8.61
C SER A 37 11.48 -15.72 -9.72
N PRO A 38 11.09 -14.49 -10.09
CA PRO A 38 10.11 -14.33 -11.17
C PRO A 38 10.84 -14.54 -12.51
N SER A 39 10.08 -14.63 -13.59
CA SER A 39 10.66 -14.79 -14.92
C SER A 39 9.57 -14.51 -15.97
N SER A 40 9.97 -14.08 -17.16
CA SER A 40 9.01 -13.79 -18.21
C SER A 40 8.07 -14.97 -18.44
N THR A 41 6.76 -14.71 -18.29
CA THR A 41 5.70 -15.72 -18.43
C THR A 41 5.90 -16.91 -17.49
N ASN A 42 6.63 -16.68 -16.40
CA ASN A 42 6.93 -17.74 -15.42
C ASN A 42 7.55 -18.93 -16.14
N SER A 43 8.30 -18.64 -17.20
CA SER A 43 8.97 -19.67 -18.00
C SER A 43 10.00 -20.49 -17.22
N GLN A 44 10.56 -19.92 -16.15
CA GLN A 44 11.55 -20.64 -15.33
C GLN A 44 12.48 -21.50 -16.18
N PRO A 45 13.13 -20.89 -17.19
CA PRO A 45 14.05 -21.58 -18.10
C PRO A 45 15.41 -21.85 -17.48
N TRP A 46 15.41 -22.46 -16.30
CA TRP A 46 16.66 -22.66 -15.59
C TRP A 46 16.84 -23.97 -14.84
N HIS A 47 18.07 -24.18 -14.39
CA HIS A 47 18.43 -25.34 -13.58
C HIS A 47 19.57 -24.86 -12.70
N PHE A 48 19.68 -25.42 -11.51
CA PHE A 48 20.71 -25.02 -10.58
C PHE A 48 21.47 -26.20 -10.01
N ILE A 49 22.78 -26.07 -9.95
CA ILE A 49 23.61 -27.11 -9.37
C ILE A 49 24.05 -26.48 -8.05
N VAL A 50 23.74 -27.15 -6.94
CA VAL A 50 24.13 -26.65 -5.64
C VAL A 50 25.13 -27.63 -5.06
N ALA A 51 26.40 -27.26 -5.13
CA ALA A 51 27.48 -28.10 -4.62
C ALA A 51 27.83 -27.72 -3.18
N SER A 52 27.70 -28.68 -2.28
CA SER A 52 28.02 -28.44 -0.88
C SER A 52 29.10 -29.37 -0.36
N THR A 53 29.35 -30.47 -1.05
CA THR A 53 30.38 -31.42 -0.62
C THR A 53 31.73 -30.99 -1.20
N GLU A 54 32.81 -31.49 -0.62
CA GLU A 54 34.14 -31.16 -1.11
C GLU A 54 34.32 -31.67 -2.53
N GLU A 55 33.79 -32.87 -2.78
CA GLU A 55 33.88 -33.48 -4.10
C GLU A 55 33.09 -32.65 -5.11
N GLY A 56 31.91 -32.17 -4.70
CA GLY A 56 31.08 -31.38 -5.58
C GLY A 56 31.70 -30.03 -5.95
N LYS A 57 32.23 -29.35 -4.95
CA LYS A 57 32.85 -28.05 -5.16
C LYS A 57 34.08 -28.20 -6.05
N ALA A 58 34.78 -29.33 -5.91
CA ALA A 58 35.97 -29.58 -6.72
C ALA A 58 35.59 -29.74 -8.20
N ARG A 59 34.45 -30.37 -8.46
CA ARG A 59 33.99 -30.56 -9.83
C ARG A 59 33.68 -29.21 -10.47
N VAL A 60 33.02 -28.34 -9.71
CA VAL A 60 32.68 -27.01 -10.22
C VAL A 60 33.96 -26.20 -10.41
N ALA A 61 34.89 -26.34 -9.48
CA ALA A 61 36.15 -25.61 -9.53
C ALA A 61 37.02 -25.95 -10.75
N LYS A 62 36.70 -27.03 -11.44
CA LYS A 62 37.45 -27.40 -12.63
C LYS A 62 37.35 -26.28 -13.67
N SER A 63 36.25 -25.53 -13.60
CA SER A 63 36.01 -24.43 -14.53
C SER A 63 36.85 -23.18 -14.24
N ALA A 64 37.47 -23.13 -13.06
CA ALA A 64 38.30 -21.98 -12.71
C ALA A 64 39.73 -22.27 -13.17
N ALA A 65 39.87 -22.60 -14.44
CA ALA A 65 41.18 -22.95 -15.01
C ALA A 65 41.87 -21.81 -15.76
N GLY A 66 43.18 -21.96 -15.91
CA GLY A 66 43.97 -20.97 -16.62
C GLY A 66 43.76 -19.56 -16.11
N THR A 67 43.28 -18.70 -17.00
CA THR A 67 43.05 -17.30 -16.67
C THR A 67 42.13 -17.13 -15.46
N TYR A 68 41.24 -18.09 -15.25
CA TYR A 68 40.28 -17.99 -14.15
C TYR A 68 40.72 -18.62 -12.83
N VAL A 69 41.98 -19.04 -12.74
CA VAL A 69 42.44 -19.65 -11.50
C VAL A 69 42.27 -18.75 -10.28
N PHE A 70 42.17 -17.45 -10.50
CA PHE A 70 42.01 -16.49 -9.40
C PHE A 70 40.65 -16.63 -8.70
N ASN A 71 39.76 -17.44 -9.28
CA ASN A 71 38.44 -17.66 -8.70
C ASN A 71 38.31 -19.05 -8.07
N GLU A 72 39.33 -19.88 -8.23
CA GLU A 72 39.29 -21.24 -7.70
C GLU A 72 39.06 -21.33 -6.19
N ARG A 73 39.82 -20.56 -5.41
CA ARG A 73 39.69 -20.58 -3.97
C ARG A 73 38.27 -20.30 -3.45
N LYS A 74 37.60 -19.32 -4.05
CA LYS A 74 36.24 -18.97 -3.63
C LYS A 74 35.30 -20.15 -3.82
N MET A 75 35.48 -20.88 -4.91
CA MET A 75 34.65 -22.03 -5.22
C MET A 75 34.91 -23.23 -4.31
N LEU A 76 36.14 -23.33 -3.82
CA LEU A 76 36.50 -24.44 -2.94
C LEU A 76 36.22 -24.17 -1.47
N ASP A 77 36.41 -22.94 -1.02
CA ASP A 77 36.23 -22.60 0.38
C ASP A 77 34.81 -22.28 0.84
N ALA A 78 33.97 -21.81 -0.08
CA ALA A 78 32.60 -21.48 0.27
C ALA A 78 31.84 -22.69 0.81
N SER A 79 30.74 -22.44 1.51
CA SER A 79 29.93 -23.52 2.07
C SER A 79 29.11 -24.18 0.96
N HIS A 80 28.38 -23.37 0.21
CA HIS A 80 27.54 -23.85 -0.89
C HIS A 80 27.86 -23.07 -2.15
N VAL A 81 28.02 -23.77 -3.27
CA VAL A 81 28.32 -23.13 -4.54
C VAL A 81 27.18 -23.36 -5.52
N VAL A 82 26.52 -22.28 -5.93
CA VAL A 82 25.41 -22.42 -6.87
C VAL A 82 25.80 -22.10 -8.31
N VAL A 83 25.52 -23.03 -9.22
CA VAL A 83 25.80 -22.81 -10.62
C VAL A 83 24.47 -22.51 -11.32
N PHE A 84 24.33 -21.28 -11.81
CA PHE A 84 23.10 -20.86 -12.49
C PHE A 84 23.18 -21.29 -13.95
N CYS A 85 22.21 -22.09 -14.39
CA CYS A 85 22.17 -22.60 -15.76
C CYS A 85 20.88 -22.20 -16.47
N ALA A 86 20.99 -21.95 -17.78
CA ALA A 86 19.83 -21.59 -18.59
C ALA A 86 19.55 -22.70 -19.58
N LYS A 87 18.31 -22.82 -20.02
CA LYS A 87 17.95 -23.82 -21.02
C LYS A 87 18.60 -23.34 -22.32
N THR A 88 19.05 -24.29 -23.13
CA THR A 88 19.69 -23.97 -24.41
C THR A 88 18.66 -23.69 -25.51
N ALA A 89 17.44 -24.19 -25.32
CA ALA A 89 16.37 -23.97 -26.28
C ALA A 89 15.04 -24.15 -25.55
N MET A 90 14.04 -23.34 -25.91
CA MET A 90 12.73 -23.44 -25.28
C MET A 90 11.85 -24.42 -26.03
N ASP A 91 11.63 -25.59 -25.41
CA ASP A 91 10.81 -26.65 -26.00
C ASP A 91 9.39 -26.61 -25.48
N ASP A 92 8.44 -27.13 -26.27
CA ASP A 92 7.04 -27.16 -25.86
C ASP A 92 6.84 -27.95 -24.57
N ALA A 93 7.63 -28.99 -24.39
CA ALA A 93 7.53 -29.83 -23.21
C ALA A 93 7.62 -29.00 -21.93
N TRP A 94 8.60 -28.11 -21.89
CA TRP A 94 8.81 -27.24 -20.73
C TRP A 94 7.64 -26.28 -20.52
N LEU A 95 7.18 -25.67 -21.61
CA LEU A 95 6.07 -24.72 -21.54
C LEU A 95 4.82 -25.42 -21.01
N GLU A 96 4.69 -26.69 -21.37
CA GLU A 96 3.57 -27.52 -20.95
C GLU A 96 3.65 -27.67 -19.43
N ARG A 97 4.84 -28.03 -18.95
CA ARG A 97 5.09 -28.21 -17.52
C ARG A 97 4.71 -27.00 -16.69
N VAL A 98 5.10 -25.81 -17.17
CA VAL A 98 4.82 -24.57 -16.47
C VAL A 98 3.32 -24.34 -16.28
N VAL A 99 2.55 -24.44 -17.38
CA VAL A 99 1.12 -24.20 -17.29
C VAL A 99 0.39 -25.28 -16.48
N ASP A 100 0.85 -26.53 -16.57
CA ASP A 100 0.21 -27.61 -15.83
C ASP A 100 0.45 -27.43 -14.33
N GLN A 101 1.65 -26.95 -13.98
CA GLN A 101 1.99 -26.71 -12.58
C GLN A 101 1.14 -25.55 -12.06
N GLU A 102 0.99 -24.51 -12.88
CA GLU A 102 0.20 -23.36 -12.46
C GLU A 102 -1.24 -23.81 -12.20
N GLU A 103 -1.75 -24.73 -13.02
CA GLU A 103 -3.12 -25.22 -12.83
C GLU A 103 -3.19 -26.01 -11.53
N ALA A 104 -2.18 -26.84 -11.29
CA ALA A 104 -2.14 -27.65 -10.09
C ALA A 104 -2.11 -26.74 -8.86
N ASP A 105 -1.43 -25.60 -8.99
CA ASP A 105 -1.30 -24.65 -7.90
C ASP A 105 -2.55 -23.78 -7.70
N GLY A 106 -3.56 -23.97 -8.53
CA GLY A 106 -4.81 -23.23 -8.42
C GLY A 106 -4.83 -21.82 -8.99
N ARG A 107 -4.05 -21.56 -10.04
CA ARG A 107 -4.02 -20.22 -10.63
C ARG A 107 -5.08 -19.95 -11.68
N PHE A 108 -5.82 -20.98 -12.09
CA PHE A 108 -6.85 -20.80 -13.11
C PHE A 108 -8.25 -21.12 -12.57
N ASN A 109 -9.22 -20.26 -12.87
CA ASN A 109 -10.58 -20.49 -12.39
C ASN A 109 -11.43 -21.30 -13.37
N THR A 110 -10.96 -21.43 -14.61
CA THR A 110 -11.68 -22.21 -15.62
C THR A 110 -10.68 -22.84 -16.59
N PRO A 111 -11.11 -23.88 -17.32
CA PRO A 111 -10.20 -24.51 -18.28
C PRO A 111 -9.84 -23.48 -19.34
N GLU A 112 -10.81 -22.63 -19.67
CA GLU A 112 -10.60 -21.59 -20.67
C GLU A 112 -9.48 -20.66 -20.24
N ALA A 113 -9.41 -20.38 -18.94
CA ALA A 113 -8.39 -19.50 -18.39
C ALA A 113 -7.00 -20.09 -18.61
N LYS A 114 -6.88 -21.39 -18.41
CA LYS A 114 -5.61 -22.08 -18.60
C LYS A 114 -5.21 -22.06 -20.07
N ALA A 115 -6.15 -22.39 -20.94
CA ALA A 115 -5.88 -22.39 -22.37
C ALA A 115 -5.37 -21.02 -22.81
N ALA A 116 -6.03 -19.96 -22.31
CA ALA A 116 -5.64 -18.60 -22.65
C ALA A 116 -4.22 -18.29 -22.20
N ASN A 117 -3.88 -18.74 -20.99
CA ASN A 117 -2.54 -18.53 -20.45
C ASN A 117 -1.51 -19.28 -21.28
N HIS A 118 -1.86 -20.50 -21.67
CA HIS A 118 -0.97 -21.34 -22.48
C HIS A 118 -0.74 -20.71 -23.86
N LYS A 119 -1.80 -20.21 -24.47
CA LYS A 119 -1.71 -19.59 -25.78
C LYS A 119 -0.79 -18.36 -25.70
N GLY A 120 -1.01 -17.54 -24.69
CA GLY A 120 -0.20 -16.35 -24.51
C GLY A 120 1.27 -16.66 -24.34
N ARG A 121 1.58 -17.63 -23.48
CA ARG A 121 2.97 -18.00 -23.26
C ARG A 121 3.57 -18.53 -24.55
N THR A 122 2.80 -19.31 -25.29
CA THR A 122 3.28 -19.87 -26.55
C THR A 122 3.59 -18.75 -27.54
N TYR A 123 2.74 -17.72 -27.56
CA TYR A 123 2.93 -16.57 -28.43
C TYR A 123 4.27 -15.92 -28.17
N PHE A 124 4.53 -15.60 -26.90
CA PHE A 124 5.79 -14.97 -26.50
C PHE A 124 6.97 -15.88 -26.83
N ALA A 125 6.82 -17.16 -26.51
CA ALA A 125 7.88 -18.13 -26.77
C ALA A 125 8.22 -18.21 -28.26
N ASP A 126 7.21 -18.24 -29.11
CA ASP A 126 7.44 -18.30 -30.55
C ASP A 126 8.04 -17.02 -31.08
N MET A 127 7.73 -15.90 -30.43
CA MET A 127 8.28 -14.61 -30.86
C MET A 127 9.80 -14.72 -30.79
N HIS A 128 10.31 -15.43 -29.79
CA HIS A 128 11.74 -15.61 -29.60
C HIS A 128 12.28 -16.83 -30.35
N ARG A 129 11.54 -17.94 -30.30
CA ARG A 129 11.95 -19.18 -30.96
C ARG A 129 11.94 -19.08 -32.48
N VAL A 130 10.78 -18.73 -33.02
CA VAL A 130 10.59 -18.63 -34.46
C VAL A 130 11.05 -17.32 -35.07
N ASP A 131 10.40 -16.23 -34.67
CA ASP A 131 10.70 -14.90 -35.20
C ASP A 131 12.14 -14.41 -35.00
N LEU A 132 12.44 -13.95 -33.79
CA LEU A 132 13.76 -13.41 -33.47
C LEU A 132 14.89 -14.42 -33.41
N LYS A 133 14.56 -15.69 -33.22
CA LYS A 133 15.57 -16.73 -33.13
C LYS A 133 16.60 -16.33 -32.09
N ASP A 134 16.12 -15.98 -30.89
CA ASP A 134 16.98 -15.56 -29.81
C ASP A 134 16.48 -16.10 -28.47
N ASP A 135 15.75 -17.21 -28.50
CA ASP A 135 15.22 -17.77 -27.27
C ASP A 135 16.36 -18.15 -26.32
N ASP A 136 17.54 -18.44 -26.87
CA ASP A 136 18.67 -18.79 -26.02
C ASP A 136 19.09 -17.57 -25.19
N GLN A 137 19.12 -16.40 -25.81
CA GLN A 137 19.49 -15.18 -25.10
C GLN A 137 18.36 -14.72 -24.18
N TRP A 138 17.13 -14.92 -24.62
CA TRP A 138 15.96 -14.54 -23.84
C TRP A 138 15.96 -15.30 -22.51
N MET A 139 16.20 -16.60 -22.56
CA MET A 139 16.22 -17.41 -21.35
C MET A 139 17.40 -17.08 -20.44
N ALA A 140 18.55 -16.81 -21.04
CA ALA A 140 19.74 -16.46 -20.26
C ALA A 140 19.45 -15.19 -19.46
N LYS A 141 18.69 -14.28 -20.05
CA LYS A 141 18.36 -13.03 -19.37
C LYS A 141 17.53 -13.33 -18.12
N GLN A 142 16.62 -14.31 -18.23
CA GLN A 142 15.78 -14.66 -17.08
C GLN A 142 16.67 -15.20 -15.96
N VAL A 143 17.71 -15.93 -16.34
CA VAL A 143 18.63 -16.49 -15.35
C VAL A 143 19.38 -15.38 -14.61
N TYR A 144 19.88 -14.39 -15.35
CA TYR A 144 20.61 -13.30 -14.71
C TYR A 144 19.70 -12.55 -13.74
N LEU A 145 18.42 -12.45 -14.09
CA LEU A 145 17.47 -11.79 -13.21
C LEU A 145 17.39 -12.61 -11.92
N ASN A 146 17.45 -13.93 -12.07
CA ASN A 146 17.39 -14.82 -10.91
C ASN A 146 18.64 -14.55 -10.07
N VAL A 147 19.78 -14.39 -10.72
CA VAL A 147 21.03 -14.11 -10.01
C VAL A 147 20.89 -12.83 -9.19
N GLY A 148 20.32 -11.80 -9.81
CA GLY A 148 20.15 -10.52 -9.14
C GLY A 148 19.27 -10.64 -7.90
N ASN A 149 18.21 -11.42 -8.03
CA ASN A 149 17.28 -11.67 -6.94
C ASN A 149 18.03 -12.43 -5.83
N PHE A 150 18.79 -13.43 -6.24
CA PHE A 150 19.56 -14.26 -5.31
C PHE A 150 20.59 -13.50 -4.48
N LEU A 151 21.41 -12.67 -5.13
CA LEU A 151 22.44 -11.91 -4.43
C LEU A 151 21.89 -10.99 -3.35
N LEU A 152 20.79 -10.31 -3.64
CA LEU A 152 20.20 -9.42 -2.65
C LEU A 152 19.59 -10.28 -1.54
N GLY A 153 19.02 -11.41 -1.94
CA GLY A 153 18.41 -12.31 -0.98
C GLY A 153 19.38 -12.85 0.05
N VAL A 154 20.50 -13.41 -0.41
CA VAL A 154 21.49 -13.94 0.53
C VAL A 154 22.08 -12.80 1.36
N GLY A 155 22.21 -11.62 0.76
CA GLY A 155 22.72 -10.49 1.51
C GLY A 155 21.77 -10.19 2.67
N ALA A 156 20.47 -10.23 2.39
CA ALA A 156 19.46 -9.97 3.40
C ALA A 156 19.41 -11.07 4.46
N MET A 157 20.02 -12.22 4.15
CA MET A 157 20.06 -13.34 5.09
C MET A 157 21.29 -13.21 6.00
N GLY A 158 22.12 -12.22 5.72
CA GLY A 158 23.32 -12.03 6.53
C GLY A 158 24.44 -12.92 6.03
N LEU A 159 24.23 -13.56 4.88
CA LEU A 159 25.23 -14.43 4.30
C LEU A 159 26.11 -13.69 3.30
N ASP A 160 27.28 -14.24 3.02
CA ASP A 160 28.19 -13.65 2.06
C ASP A 160 28.19 -14.48 0.78
N ALA A 161 28.45 -13.82 -0.34
CA ALA A 161 28.48 -14.48 -1.62
C ALA A 161 29.23 -13.62 -2.62
N VAL A 162 29.50 -14.19 -3.78
CA VAL A 162 30.17 -13.45 -4.84
C VAL A 162 29.77 -14.06 -6.19
N PRO A 163 29.28 -13.21 -7.10
CA PRO A 163 28.87 -13.69 -8.42
C PRO A 163 30.12 -13.85 -9.28
N ILE A 164 30.19 -14.95 -10.04
CA ILE A 164 31.37 -15.21 -10.86
C ILE A 164 31.08 -15.51 -12.32
N GLU A 165 31.65 -14.71 -13.20
CA GLU A 165 31.52 -14.91 -14.64
C GLU A 165 32.89 -15.43 -15.08
N GLY A 166 33.88 -15.27 -14.21
CA GLY A 166 35.23 -15.71 -14.50
C GLY A 166 35.45 -17.20 -14.35
N PHE A 167 34.81 -17.99 -15.23
CA PHE A 167 34.96 -19.44 -15.22
C PHE A 167 34.74 -19.94 -16.65
N ASP A 168 35.27 -21.11 -16.96
CA ASP A 168 35.12 -21.68 -18.30
C ASP A 168 33.84 -22.49 -18.35
N ALA A 169 32.81 -21.95 -18.97
CA ALA A 169 31.53 -22.63 -19.07
C ALA A 169 31.57 -23.92 -19.89
N ALA A 170 32.45 -23.98 -20.88
CA ALA A 170 32.56 -25.19 -21.70
C ALA A 170 33.03 -26.33 -20.81
N ILE A 171 34.01 -26.05 -19.95
CA ILE A 171 34.53 -27.06 -19.05
C ILE A 171 33.47 -27.45 -18.04
N LEU A 172 32.79 -26.46 -17.48
CA LEU A 172 31.75 -26.71 -16.49
C LEU A 172 30.60 -27.50 -17.12
N ASP A 173 30.20 -27.11 -18.33
CA ASP A 173 29.11 -27.81 -19.02
C ASP A 173 29.46 -29.28 -19.24
N GLU A 174 30.68 -29.55 -19.68
CA GLU A 174 31.11 -30.93 -19.92
C GLU A 174 31.19 -31.72 -18.62
N GLU A 175 31.71 -31.11 -17.58
CA GLU A 175 31.84 -31.77 -16.28
C GLU A 175 30.50 -32.25 -15.72
N PHE A 176 29.44 -31.51 -16.00
CA PHE A 176 28.11 -31.87 -15.50
C PHE A 176 27.13 -32.32 -16.58
N GLY A 177 27.66 -32.62 -17.77
CA GLY A 177 26.84 -33.08 -18.88
C GLY A 177 25.62 -32.22 -19.13
N LEU A 178 25.77 -30.91 -19.01
CA LEU A 178 24.66 -29.99 -19.21
C LEU A 178 24.15 -29.97 -20.65
N LYS A 179 25.07 -30.05 -21.59
CA LYS A 179 24.74 -30.06 -23.02
C LYS A 179 23.63 -31.07 -23.29
N GLU A 180 23.88 -32.32 -22.89
CA GLU A 180 22.93 -33.41 -23.07
C GLU A 180 21.60 -33.15 -22.36
N LYS A 181 21.66 -32.44 -21.23
CA LYS A 181 20.45 -32.16 -20.46
C LYS A 181 19.72 -30.92 -20.98
N GLY A 182 20.34 -30.22 -21.92
CA GLY A 182 19.71 -29.04 -22.49
C GLY A 182 19.92 -27.76 -21.68
N PHE A 183 21.04 -27.69 -20.96
CA PHE A 183 21.36 -26.52 -20.15
C PHE A 183 22.79 -26.06 -20.39
N THR A 184 23.10 -24.84 -19.95
CA THR A 184 24.43 -24.29 -20.10
C THR A 184 24.68 -23.35 -18.92
N SER A 185 25.86 -23.45 -18.33
CA SER A 185 26.24 -22.63 -17.18
C SER A 185 26.52 -21.17 -17.54
N LEU A 186 25.98 -20.27 -16.72
CA LEU A 186 26.15 -18.84 -16.95
C LEU A 186 26.89 -18.11 -15.83
N VAL A 187 26.51 -18.37 -14.59
CA VAL A 187 27.12 -17.71 -13.44
C VAL A 187 27.32 -18.66 -12.27
N VAL A 188 28.46 -18.55 -11.61
CA VAL A 188 28.76 -19.38 -10.45
C VAL A 188 28.71 -18.47 -9.23
N VAL A 189 27.95 -18.88 -8.21
CA VAL A 189 27.82 -18.06 -7.01
C VAL A 189 28.14 -18.79 -5.70
N PRO A 190 29.38 -18.65 -5.20
CA PRO A 190 29.75 -19.31 -3.94
C PRO A 190 29.03 -18.56 -2.81
N VAL A 191 28.52 -19.30 -1.84
CA VAL A 191 27.83 -18.69 -0.71
C VAL A 191 28.40 -19.22 0.60
N GLY A 192 28.46 -18.36 1.61
CA GLY A 192 28.99 -18.75 2.91
C GLY A 192 29.28 -17.57 3.80
N HIS A 193 30.44 -17.59 4.46
CA HIS A 193 30.85 -16.51 5.36
C HIS A 193 32.27 -16.11 4.99
N HIS A 194 32.50 -14.81 4.81
CA HIS A 194 33.83 -14.34 4.46
C HIS A 194 34.82 -14.59 5.59
N SER A 195 36.11 -14.58 5.26
CA SER A 195 37.15 -14.78 6.25
C SER A 195 37.66 -13.42 6.69
N VAL A 196 38.44 -13.39 7.76
CA VAL A 196 38.98 -12.13 8.28
C VAL A 196 39.76 -11.40 7.20
N GLU A 197 40.32 -12.16 6.27
CA GLU A 197 41.13 -11.61 5.19
C GLU A 197 40.36 -11.05 3.99
N ASP A 198 39.04 -11.18 4.00
CA ASP A 198 38.23 -10.67 2.90
C ASP A 198 38.23 -9.13 2.93
N PHE A 199 39.29 -8.55 2.38
CA PHE A 199 39.46 -7.09 2.33
C PHE A 199 38.31 -6.32 1.72
N ASN A 200 37.68 -6.89 0.70
CA ASN A 200 36.58 -6.21 0.03
C ASN A 200 35.39 -5.97 0.95
N ALA A 201 35.49 -6.43 2.18
CA ALA A 201 34.43 -6.26 3.16
C ALA A 201 34.44 -4.86 3.76
N THR A 202 35.63 -4.27 3.84
CA THR A 202 35.79 -2.94 4.42
C THR A 202 35.92 -1.81 3.40
N LEU A 203 36.28 -2.15 2.17
CA LEU A 203 36.43 -1.13 1.14
C LEU A 203 35.07 -0.50 0.81
N PRO A 204 35.02 0.82 0.64
CA PRO A 204 33.74 1.48 0.33
C PRO A 204 33.21 1.06 -1.03
N LYS A 205 31.88 1.01 -1.17
CA LYS A 205 31.27 0.63 -2.44
C LYS A 205 31.43 1.78 -3.42
N SER A 206 31.40 1.47 -4.72
CA SER A 206 31.56 2.50 -5.72
C SER A 206 30.64 2.34 -6.92
N ARG A 207 29.86 3.38 -7.19
CA ARG A 207 28.94 3.39 -8.32
C ARG A 207 28.96 4.78 -8.94
N LEU A 208 28.58 4.86 -10.21
CA LEU A 208 28.54 6.14 -10.89
C LEU A 208 27.38 6.94 -10.29
N PRO A 209 27.41 8.28 -10.40
CA PRO A 209 26.34 9.13 -9.83
C PRO A 209 24.98 9.03 -10.51
N LEU A 210 23.94 9.33 -9.74
CA LEU A 210 22.57 9.29 -10.25
C LEU A 210 22.38 10.26 -11.40
N SER A 211 23.10 11.38 -11.37
CA SER A 211 22.98 12.37 -12.43
C SER A 211 23.42 11.80 -13.77
N THR A 212 24.17 10.70 -13.73
CA THR A 212 24.62 10.06 -14.96
C THR A 212 23.70 8.89 -15.36
N ILE A 213 23.40 8.03 -14.40
CA ILE A 213 22.59 6.84 -14.69
C ILE A 213 21.06 6.96 -14.68
N VAL A 214 20.52 8.00 -14.06
CA VAL A 214 19.07 8.15 -14.00
C VAL A 214 18.52 9.42 -14.66
N THR A 215 17.38 9.28 -15.34
CA THR A 215 16.70 10.38 -15.98
C THR A 215 15.29 10.37 -15.40
N GLU A 216 14.90 11.47 -14.76
CA GLU A 216 13.57 11.54 -14.18
C GLU A 216 12.61 12.29 -15.11
N CYS A 217 11.45 11.71 -15.33
CA CYS A 217 10.42 12.30 -16.19
C CYS A 217 9.03 12.15 -15.57
N ASP B 2 11.41 -11.14 7.25
CA ASP B 2 12.23 -12.23 6.63
C ASP B 2 12.27 -12.09 5.10
N ILE B 3 13.47 -12.07 4.53
CA ILE B 3 13.59 -11.92 3.08
C ILE B 3 12.93 -13.07 2.33
N ILE B 4 12.94 -14.26 2.92
CA ILE B 4 12.32 -15.41 2.27
C ILE B 4 10.80 -15.22 2.22
N SER B 5 10.24 -14.59 3.24
CA SER B 5 8.80 -14.33 3.28
C SER B 5 8.46 -13.32 2.19
N VAL B 6 9.36 -12.37 1.99
CA VAL B 6 9.18 -11.36 0.96
C VAL B 6 9.15 -12.06 -0.40
N ALA B 7 10.07 -13.01 -0.57
CA ALA B 7 10.17 -13.76 -1.81
C ALA B 7 8.89 -14.54 -2.09
N LEU B 8 8.34 -15.15 -1.03
CA LEU B 8 7.12 -15.95 -1.16
C LEU B 8 5.86 -15.11 -1.23
N LYS B 9 5.96 -13.83 -0.85
CA LYS B 9 4.80 -12.95 -0.85
C LYS B 9 4.69 -11.96 -2.02
N ARG B 10 5.81 -11.44 -2.50
CA ARG B 10 5.77 -10.48 -3.60
C ARG B 10 5.09 -11.13 -4.81
N HIS B 11 4.46 -10.30 -5.65
CA HIS B 11 3.80 -10.83 -6.84
C HIS B 11 3.79 -9.79 -7.95
N SER B 12 3.51 -10.22 -9.18
CA SER B 12 3.44 -9.29 -10.29
C SER B 12 2.07 -8.62 -10.23
N THR B 13 2.09 -7.33 -9.97
CA THR B 13 0.86 -6.54 -9.85
C THR B 13 0.17 -6.37 -11.20
N LYS B 14 -1.11 -6.71 -11.25
CA LYS B 14 -1.88 -6.59 -12.48
C LYS B 14 -2.76 -5.35 -12.50
N ALA B 15 -2.88 -4.69 -11.35
CA ALA B 15 -3.68 -3.48 -11.25
C ALA B 15 -3.18 -2.61 -10.09
N PHE B 16 -2.87 -1.35 -10.38
CA PHE B 16 -2.39 -0.43 -9.36
C PHE B 16 -3.45 0.59 -8.93
N ASP B 17 -3.34 1.04 -7.69
CA ASP B 17 -4.22 2.06 -7.15
C ASP B 17 -3.54 3.37 -7.57
N ALA B 18 -4.12 4.03 -8.58
CA ALA B 18 -3.54 5.27 -9.11
C ALA B 18 -3.44 6.44 -8.14
N SER B 19 -4.04 6.33 -6.96
CA SER B 19 -4.00 7.42 -5.99
C SER B 19 -2.87 7.29 -4.98
N LYS B 20 -2.20 6.14 -4.97
CA LYS B 20 -1.14 5.90 -4.03
C LYS B 20 0.25 6.13 -4.62
N LYS B 21 0.90 7.21 -4.20
CA LYS B 21 2.22 7.55 -4.71
C LYS B 21 3.32 7.16 -3.74
N LEU B 22 4.53 6.94 -4.26
CA LEU B 22 5.64 6.60 -3.39
C LEU B 22 5.89 7.88 -2.59
N THR B 23 6.41 7.73 -1.38
CA THR B 23 6.72 8.88 -0.55
C THR B 23 8.05 9.42 -1.09
N ALA B 24 8.41 10.64 -0.69
CA ALA B 24 9.67 11.24 -1.14
C ALA B 24 10.83 10.32 -0.81
N GLU B 25 10.83 9.76 0.39
CA GLU B 25 11.90 8.87 0.82
C GLU B 25 11.93 7.57 0.02
N GLU B 26 10.76 7.02 -0.30
CA GLU B 26 10.71 5.79 -1.08
C GLU B 26 11.21 6.04 -2.50
N ALA B 27 10.89 7.21 -3.05
CA ALA B 27 11.33 7.56 -4.40
C ALA B 27 12.86 7.61 -4.43
N GLU B 28 13.45 8.14 -3.37
CA GLU B 28 14.90 8.22 -3.30
C GLU B 28 15.49 6.81 -3.13
N LYS B 29 14.83 5.99 -2.33
CA LYS B 29 15.30 4.63 -2.09
C LYS B 29 15.29 3.73 -3.33
N ILE B 30 14.27 3.81 -4.17
CA ILE B 30 14.26 2.96 -5.36
C ILE B 30 15.39 3.35 -6.31
N LYS B 31 15.78 4.62 -6.32
CA LYS B 31 16.88 5.04 -7.18
C LYS B 31 18.19 4.47 -6.65
N THR B 32 18.30 4.40 -5.32
CA THR B 32 19.49 3.85 -4.68
C THR B 32 19.63 2.38 -5.08
N LEU B 33 18.51 1.66 -5.13
CA LEU B 33 18.50 0.25 -5.52
C LEU B 33 19.04 0.05 -6.93
N LEU B 34 18.56 0.88 -7.85
CA LEU B 34 18.99 0.81 -9.25
C LEU B 34 20.49 1.04 -9.35
N GLN B 35 20.95 2.09 -8.67
CA GLN B 35 22.35 2.47 -8.66
C GLN B 35 23.31 1.46 -8.05
N TYR B 36 22.92 0.86 -6.93
CA TYR B 36 23.83 -0.07 -6.26
C TYR B 36 23.79 -1.55 -6.60
N SER B 37 23.07 -1.91 -7.65
CA SER B 37 23.04 -3.30 -8.07
C SER B 37 24.47 -3.68 -8.49
N PRO B 38 24.87 -4.93 -8.26
CA PRO B 38 26.23 -5.30 -8.69
C PRO B 38 26.17 -5.57 -10.19
N SER B 39 27.33 -5.78 -10.81
CA SER B 39 27.41 -6.08 -12.24
C SER B 39 28.82 -6.59 -12.54
N SER B 40 28.97 -7.31 -13.64
CA SER B 40 30.29 -7.84 -14.00
C SER B 40 31.30 -6.70 -14.06
N THR B 41 32.40 -6.86 -13.32
CA THR B 41 33.47 -5.86 -13.23
C THR B 41 32.95 -4.47 -12.84
N ASN B 42 31.77 -4.42 -12.24
CA ASN B 42 31.16 -3.15 -11.83
C ASN B 42 31.01 -2.27 -13.07
N SER B 43 30.74 -2.91 -14.21
CA SER B 43 30.59 -2.18 -15.48
C SER B 43 29.37 -1.28 -15.55
N GLN B 44 28.37 -1.50 -14.69
CA GLN B 44 27.17 -0.67 -14.66
C GLN B 44 26.80 -0.16 -16.07
N PRO B 45 26.66 -1.08 -17.05
CA PRO B 45 26.33 -0.72 -18.44
C PRO B 45 24.86 -0.39 -18.61
N TRP B 46 24.36 0.55 -17.82
CA TRP B 46 22.94 0.86 -17.86
C TRP B 46 22.51 2.31 -17.71
N HIS B 47 21.22 2.52 -17.92
CA HIS B 47 20.62 3.83 -17.76
C HIS B 47 19.18 3.56 -17.38
N PHE B 48 18.61 4.42 -16.56
CA PHE B 48 17.24 4.23 -16.13
C PHE B 48 16.40 5.48 -16.31
N ILE B 49 15.19 5.28 -16.82
CA ILE B 49 14.25 6.37 -16.97
C ILE B 49 13.27 6.13 -15.84
N VAL B 50 13.08 7.12 -14.98
CA VAL B 50 12.15 6.99 -13.87
C VAL B 50 11.03 8.01 -14.10
N ALA B 51 9.90 7.52 -14.61
CA ALA B 51 8.77 8.37 -14.92
C ALA B 51 7.76 8.40 -13.78
N SER B 52 7.50 9.60 -13.25
CA SER B 52 6.54 9.75 -12.18
C SER B 52 5.46 10.77 -12.49
N THR B 53 5.67 11.58 -13.54
CA THR B 53 4.67 12.57 -13.91
C THR B 53 3.67 11.89 -14.83
N GLU B 54 2.48 12.48 -14.97
CA GLU B 54 1.46 11.90 -15.82
C GLU B 54 1.92 11.84 -17.27
N GLU B 55 2.49 12.91 -17.80
CA GLU B 55 2.92 12.86 -19.19
C GLU B 55 4.10 11.90 -19.35
N GLY B 56 4.96 11.84 -18.35
CA GLY B 56 6.11 10.94 -18.42
C GLY B 56 5.67 9.50 -18.52
N LYS B 57 4.73 9.10 -17.67
CA LYS B 57 4.23 7.73 -17.70
C LYS B 57 3.47 7.48 -18.99
N ALA B 58 2.75 8.49 -19.46
CA ALA B 58 1.97 8.37 -20.70
C ALA B 58 2.90 8.15 -21.89
N ARG B 59 4.09 8.76 -21.85
CA ARG B 59 5.04 8.59 -22.94
C ARG B 59 5.58 7.18 -22.93
N VAL B 60 5.80 6.62 -21.74
CA VAL B 60 6.28 5.26 -21.63
C VAL B 60 5.16 4.34 -22.09
N ALA B 61 3.93 4.64 -21.64
CA ALA B 61 2.75 3.86 -21.99
C ALA B 61 2.53 3.72 -23.49
N LYS B 62 3.10 4.63 -24.27
CA LYS B 62 2.97 4.58 -25.71
C LYS B 62 3.53 3.27 -26.26
N SER B 63 4.50 2.69 -25.54
CA SER B 63 5.13 1.45 -25.96
C SER B 63 4.24 0.23 -25.75
N ALA B 64 3.16 0.40 -24.98
CA ALA B 64 2.24 -0.70 -24.72
C ALA B 64 1.15 -0.65 -25.78
N ALA B 65 1.58 -0.60 -27.04
CA ALA B 65 0.66 -0.53 -28.17
C ALA B 65 0.30 -1.90 -28.74
N GLY B 66 -0.74 -1.92 -29.57
CA GLY B 66 -1.18 -3.15 -30.19
C GLY B 66 -1.55 -4.24 -29.19
N THR B 67 -0.98 -5.42 -29.39
CA THR B 67 -1.25 -6.56 -28.52
C THR B 67 -0.79 -6.34 -27.08
N TYR B 68 0.13 -5.39 -26.89
CA TYR B 68 0.65 -5.10 -25.55
C TYR B 68 -0.24 -4.17 -24.74
N VAL B 69 -1.40 -3.80 -25.28
CA VAL B 69 -2.28 -2.89 -24.57
C VAL B 69 -2.67 -3.39 -23.19
N PHE B 70 -2.57 -4.70 -22.98
CA PHE B 70 -2.92 -5.27 -21.68
C PHE B 70 -1.97 -4.79 -20.57
N ASN B 71 -0.89 -4.12 -20.96
CA ASN B 71 0.08 -3.59 -19.99
C ASN B 71 -0.01 -2.06 -19.86
N GLU B 72 -0.85 -1.43 -20.67
CA GLU B 72 -0.97 0.02 -20.65
C GLU B 72 -1.40 0.62 -19.30
N ARG B 73 -2.46 0.09 -18.72
CA ARG B 73 -2.98 0.59 -17.45
C ARG B 73 -1.95 0.51 -16.32
N LYS B 74 -1.15 -0.54 -16.31
CA LYS B 74 -0.12 -0.71 -15.28
C LYS B 74 0.87 0.44 -15.34
N MET B 75 1.24 0.82 -16.55
CA MET B 75 2.19 1.91 -16.74
C MET B 75 1.57 3.26 -16.41
N LEU B 76 0.28 3.41 -16.68
CA LEU B 76 -0.39 4.67 -16.40
C LEU B 76 -0.79 4.87 -14.94
N ASP B 77 -1.22 3.81 -14.27
CA ASP B 77 -1.67 3.91 -12.89
C ASP B 77 -0.61 3.84 -11.80
N ALA B 78 0.51 3.20 -12.10
CA ALA B 78 1.58 3.07 -11.11
C ALA B 78 2.11 4.45 -10.73
N SER B 79 2.78 4.53 -9.58
CA SER B 79 3.33 5.78 -9.10
C SER B 79 4.59 6.17 -9.86
N HIS B 80 5.54 5.25 -9.90
CA HIS B 80 6.81 5.45 -10.59
C HIS B 80 7.04 4.30 -11.57
N VAL B 81 7.39 4.63 -12.81
CA VAL B 81 7.63 3.61 -13.83
C VAL B 81 9.10 3.67 -14.23
N VAL B 82 9.82 2.57 -14.02
CA VAL B 82 11.24 2.54 -14.37
C VAL B 82 11.50 1.78 -15.66
N VAL B 83 12.20 2.44 -16.58
CA VAL B 83 12.56 1.80 -17.83
C VAL B 83 14.02 1.41 -17.69
N PHE B 84 14.29 0.10 -17.67
CA PHE B 84 15.66 -0.41 -17.56
C PHE B 84 16.30 -0.45 -18.95
N CYS B 85 17.40 0.28 -19.12
CA CYS B 85 18.08 0.33 -20.40
C CYS B 85 19.52 -0.15 -20.30
N ALA B 86 20.01 -0.75 -21.38
CA ALA B 86 21.38 -1.22 -21.45
C ALA B 86 22.11 -0.38 -22.49
N LYS B 87 23.42 -0.24 -22.34
CA LYS B 87 24.22 0.49 -23.31
C LYS B 87 24.22 -0.36 -24.58
N THR B 88 24.33 0.26 -25.74
CA THR B 88 24.34 -0.50 -26.99
C THR B 88 25.74 -0.99 -27.37
N ALA B 89 26.76 -0.35 -26.81
CA ALA B 89 28.15 -0.74 -27.06
C ALA B 89 29.00 -0.30 -25.87
N MET B 90 29.99 -1.12 -25.52
CA MET B 90 30.87 -0.80 -24.40
C MET B 90 32.08 -0.03 -24.90
N ASP B 91 32.10 1.28 -24.62
CA ASP B 91 33.19 2.14 -25.05
C ASP B 91 34.27 2.28 -23.97
N ASP B 92 35.49 2.59 -24.39
CA ASP B 92 36.59 2.75 -23.45
C ASP B 92 36.27 3.86 -22.46
N ALA B 93 35.65 4.93 -22.94
CA ALA B 93 35.29 6.06 -22.10
C ALA B 93 34.57 5.57 -20.85
N TRP B 94 33.58 4.71 -21.05
CA TRP B 94 32.80 4.18 -19.95
C TRP B 94 33.65 3.32 -19.01
N LEU B 95 34.51 2.47 -19.57
CA LEU B 95 35.37 1.62 -18.76
C LEU B 95 36.31 2.45 -17.90
N GLU B 96 36.83 3.54 -18.45
CA GLU B 96 37.72 4.42 -17.69
C GLU B 96 36.93 5.10 -16.57
N ARG B 97 35.69 5.48 -16.87
CA ARG B 97 34.85 6.14 -15.88
C ARG B 97 34.65 5.26 -14.65
N VAL B 98 34.45 3.96 -14.86
CA VAL B 98 34.24 3.05 -13.75
C VAL B 98 35.45 2.95 -12.84
N VAL B 99 36.62 2.73 -13.41
CA VAL B 99 37.82 2.61 -12.60
C VAL B 99 38.20 3.94 -11.95
N ASP B 100 37.96 5.05 -12.64
CA ASP B 100 38.30 6.36 -12.08
C ASP B 100 37.36 6.71 -10.93
N GLN B 101 36.12 6.24 -11.01
CA GLN B 101 35.15 6.47 -9.95
C GLN B 101 35.58 5.65 -8.74
N GLU B 102 35.98 4.40 -8.97
CA GLU B 102 36.41 3.54 -7.87
C GLU B 102 37.65 4.14 -7.20
N GLU B 103 38.53 4.75 -7.99
CA GLU B 103 39.73 5.37 -7.44
C GLU B 103 39.30 6.55 -6.59
N ALA B 104 38.41 7.37 -7.14
CA ALA B 104 37.89 8.53 -6.43
C ALA B 104 37.15 8.11 -5.16
N ASP B 105 36.61 6.90 -5.15
CA ASP B 105 35.88 6.41 -3.97
C ASP B 105 36.80 5.71 -2.97
N GLY B 106 38.11 5.76 -3.24
CA GLY B 106 39.08 5.17 -2.33
C GLY B 106 39.16 3.65 -2.26
N ARG B 107 38.90 2.98 -3.38
CA ARG B 107 38.97 1.52 -3.36
C ARG B 107 40.37 0.98 -3.61
N PHE B 108 41.29 1.86 -4.00
CA PHE B 108 42.67 1.43 -4.28
C PHE B 108 43.69 2.03 -3.32
N ASN B 109 44.37 1.17 -2.57
CA ASN B 109 45.38 1.61 -1.61
C ASN B 109 46.71 1.91 -2.29
N THR B 110 46.92 1.32 -3.47
CA THR B 110 48.16 1.52 -4.22
C THR B 110 47.87 1.66 -5.71
N PRO B 111 48.85 2.14 -6.49
CA PRO B 111 48.64 2.29 -7.93
C PRO B 111 48.51 0.90 -8.56
N GLU B 112 49.19 -0.08 -7.98
CA GLU B 112 49.14 -1.45 -8.47
C GLU B 112 47.73 -2.01 -8.33
N ALA B 113 47.04 -1.64 -7.26
CA ALA B 113 45.69 -2.11 -7.04
C ALA B 113 44.78 -1.59 -8.16
N LYS B 114 44.95 -0.33 -8.53
CA LYS B 114 44.14 0.25 -9.59
C LYS B 114 44.44 -0.41 -10.94
N ALA B 115 45.72 -0.60 -11.23
CA ALA B 115 46.14 -1.23 -12.47
C ALA B 115 45.57 -2.65 -12.61
N ALA B 116 45.62 -3.42 -11.52
CA ALA B 116 45.09 -4.77 -11.54
C ALA B 116 43.59 -4.75 -11.85
N ASN B 117 42.91 -3.77 -11.28
CA ASN B 117 41.47 -3.65 -11.49
C ASN B 117 41.18 -3.29 -12.95
N HIS B 118 41.96 -2.36 -13.49
CA HIS B 118 41.81 -1.93 -14.88
C HIS B 118 42.10 -3.11 -15.80
N LYS B 119 43.17 -3.84 -15.50
CA LYS B 119 43.57 -5.01 -16.31
C LYS B 119 42.44 -6.03 -16.38
N GLY B 120 41.85 -6.34 -15.23
CA GLY B 120 40.78 -7.32 -15.19
C GLY B 120 39.55 -6.89 -15.96
N ARG B 121 39.15 -5.62 -15.85
CA ARG B 121 37.98 -5.13 -16.55
C ARG B 121 38.22 -5.14 -18.06
N THR B 122 39.42 -4.73 -18.46
CA THR B 122 39.77 -4.71 -19.88
C THR B 122 39.69 -6.13 -20.45
N TYR B 123 40.14 -7.11 -19.67
CA TYR B 123 40.10 -8.51 -20.12
C TYR B 123 38.68 -8.94 -20.45
N PHE B 124 37.75 -8.69 -19.53
CA PHE B 124 36.36 -9.07 -19.74
C PHE B 124 35.69 -8.23 -20.84
N ALA B 125 35.98 -6.94 -20.85
CA ALA B 125 35.41 -6.04 -21.84
C ALA B 125 35.81 -6.46 -23.25
N ASP B 126 37.11 -6.67 -23.46
CA ASP B 126 37.61 -7.06 -24.78
C ASP B 126 37.14 -8.45 -25.21
N MET B 127 37.00 -9.36 -24.25
CA MET B 127 36.55 -10.71 -24.58
C MET B 127 35.17 -10.64 -25.22
N HIS B 128 34.35 -9.70 -24.74
CA HIS B 128 33.01 -9.54 -25.27
C HIS B 128 32.96 -8.63 -26.49
N ARG B 129 33.68 -7.52 -26.44
CA ARG B 129 33.69 -6.56 -27.55
C ARG B 129 34.47 -7.05 -28.78
N VAL B 130 35.54 -7.80 -28.56
CA VAL B 130 36.36 -8.27 -29.67
C VAL B 130 36.26 -9.76 -29.97
N ASP B 131 36.61 -10.59 -29.00
CA ASP B 131 36.59 -12.04 -29.17
C ASP B 131 35.23 -12.65 -29.50
N LEU B 132 34.24 -12.42 -28.64
CA LEU B 132 32.92 -12.97 -28.83
C LEU B 132 31.96 -12.06 -29.58
N LYS B 133 32.30 -10.78 -29.66
CA LYS B 133 31.46 -9.80 -30.33
C LYS B 133 30.03 -9.90 -29.81
N ASP B 134 29.89 -9.93 -28.48
CA ASP B 134 28.57 -10.04 -27.86
C ASP B 134 28.40 -9.09 -26.67
N ASP B 135 29.12 -7.97 -26.67
CA ASP B 135 29.00 -7.05 -25.55
C ASP B 135 27.59 -6.51 -25.38
N ASP B 136 26.81 -6.46 -26.46
CA ASP B 136 25.44 -5.98 -26.35
C ASP B 136 24.63 -6.95 -25.48
N GLN B 137 24.81 -8.25 -25.70
CA GLN B 137 24.10 -9.25 -24.92
C GLN B 137 24.62 -9.31 -23.49
N TRP B 138 25.94 -9.20 -23.34
CA TRP B 138 26.58 -9.25 -22.04
C TRP B 138 26.05 -8.12 -21.14
N MET B 139 25.93 -6.93 -21.71
CA MET B 139 25.44 -5.78 -20.97
C MET B 139 23.96 -5.93 -20.62
N ALA B 140 23.17 -6.45 -21.54
CA ALA B 140 21.74 -6.65 -21.31
C ALA B 140 21.57 -7.64 -20.16
N LYS B 141 22.47 -8.61 -20.07
CA LYS B 141 22.40 -9.61 -18.99
C LYS B 141 22.61 -8.91 -17.66
N GLN B 142 23.51 -7.92 -17.62
CA GLN B 142 23.77 -7.19 -16.38
C GLN B 142 22.53 -6.39 -15.97
N VAL B 143 21.79 -5.89 -16.97
CA VAL B 143 20.61 -5.10 -16.71
C VAL B 143 19.50 -5.97 -16.12
N TYR B 144 19.37 -7.20 -16.62
CA TYR B 144 18.35 -8.11 -16.08
C TYR B 144 18.72 -8.44 -14.64
N LEU B 145 20.02 -8.58 -14.38
CA LEU B 145 20.45 -8.86 -13.02
C LEU B 145 19.98 -7.70 -12.15
N ASN B 146 20.10 -6.48 -12.66
CA ASN B 146 19.67 -5.30 -11.93
C ASN B 146 18.17 -5.41 -11.67
N VAL B 147 17.41 -5.80 -12.68
CA VAL B 147 15.97 -5.96 -12.52
C VAL B 147 15.66 -6.94 -11.39
N GLY B 148 16.37 -8.06 -11.36
CA GLY B 148 16.15 -9.06 -10.31
C GLY B 148 16.39 -8.48 -8.92
N ASN B 149 17.46 -7.70 -8.80
CA ASN B 149 17.81 -7.06 -7.54
C ASN B 149 16.67 -6.10 -7.16
N PHE B 150 16.26 -5.29 -8.12
CA PHE B 150 15.20 -4.31 -7.94
C PHE B 150 13.86 -4.87 -7.49
N LEU B 151 13.38 -5.92 -8.16
CA LEU B 151 12.08 -6.49 -7.80
C LEU B 151 12.03 -6.99 -6.36
N LEU B 152 13.09 -7.64 -5.91
CA LEU B 152 13.11 -8.13 -4.53
C LEU B 152 13.22 -6.94 -3.58
N GLY B 153 14.00 -5.94 -3.98
CA GLY B 153 14.18 -4.76 -3.16
C GLY B 153 12.88 -4.00 -2.92
N VAL B 154 12.17 -3.66 -3.98
CA VAL B 154 10.92 -2.93 -3.82
C VAL B 154 9.94 -3.77 -3.01
N GLY B 155 10.02 -5.09 -3.19
CA GLY B 155 9.15 -5.97 -2.43
C GLY B 155 9.48 -5.88 -0.95
N ALA B 156 10.77 -5.85 -0.63
CA ALA B 156 11.19 -5.76 0.76
C ALA B 156 10.82 -4.39 1.36
N MET B 157 10.61 -3.40 0.50
CA MET B 157 10.22 -2.06 0.95
C MET B 157 8.72 -2.00 1.18
N GLY B 158 8.02 -3.05 0.78
CA GLY B 158 6.57 -3.07 0.96
C GLY B 158 5.87 -2.43 -0.22
N LEU B 159 6.58 -2.31 -1.33
CA LEU B 159 6.00 -1.71 -2.53
C LEU B 159 5.63 -2.80 -3.53
N ASP B 160 4.67 -2.50 -4.40
CA ASP B 160 4.26 -3.46 -5.41
C ASP B 160 4.86 -3.06 -6.74
N ALA B 161 5.02 -4.03 -7.64
CA ALA B 161 5.56 -3.75 -8.96
C ALA B 161 5.26 -4.90 -9.88
N VAL B 162 5.60 -4.73 -11.15
CA VAL B 162 5.40 -5.77 -12.13
C VAL B 162 6.44 -5.58 -13.23
N PRO B 163 7.24 -6.62 -13.50
CA PRO B 163 8.26 -6.54 -14.54
C PRO B 163 7.56 -6.74 -15.88
N ILE B 164 7.91 -5.92 -16.86
CA ILE B 164 7.25 -6.00 -18.15
C ILE B 164 8.15 -6.10 -19.37
N GLU B 165 7.94 -7.15 -20.17
CA GLU B 165 8.67 -7.37 -21.41
C GLU B 165 7.64 -7.14 -22.52
N GLY B 166 6.38 -7.07 -22.12
CA GLY B 166 5.30 -6.85 -23.07
C GLY B 166 5.17 -5.40 -23.50
N PHE B 167 6.18 -4.91 -24.21
CA PHE B 167 6.17 -3.54 -24.72
C PHE B 167 7.03 -3.45 -25.98
N ASP B 168 6.76 -2.45 -26.80
CA ASP B 168 7.53 -2.27 -28.03
C ASP B 168 8.75 -1.42 -27.72
N ALA B 169 9.92 -2.06 -27.66
CA ALA B 169 11.16 -1.36 -27.35
C ALA B 169 11.53 -0.34 -28.42
N ALA B 170 11.22 -0.66 -29.67
CA ALA B 170 11.53 0.25 -30.76
C ALA B 170 10.78 1.56 -30.54
N ILE B 171 9.51 1.44 -30.18
CA ILE B 171 8.69 2.61 -29.93
C ILE B 171 9.20 3.39 -28.72
N LEU B 172 9.52 2.66 -27.65
CA LEU B 172 10.02 3.29 -26.44
C LEU B 172 11.36 3.97 -26.72
N ASP B 173 12.24 3.29 -27.46
CA ASP B 173 13.55 3.86 -27.78
C ASP B 173 13.39 5.19 -28.51
N GLU B 174 12.51 5.21 -29.51
CA GLU B 174 12.25 6.42 -30.29
C GLU B 174 11.68 7.54 -29.44
N GLU B 175 10.72 7.20 -28.58
CA GLU B 175 10.07 8.17 -27.72
C GLU B 175 11.02 8.94 -26.82
N PHE B 176 12.05 8.26 -26.31
CA PHE B 176 13.01 8.90 -25.43
C PHE B 176 14.39 9.14 -26.05
N GLY B 177 14.47 8.99 -27.38
CA GLY B 177 15.74 9.18 -28.09
C GLY B 177 16.90 8.41 -27.51
N LEU B 178 16.66 7.17 -27.11
CA LEU B 178 17.70 6.34 -26.52
C LEU B 178 18.80 5.94 -27.48
N LYS B 179 18.43 5.59 -28.71
CA LYS B 179 19.39 5.18 -29.73
C LYS B 179 20.55 6.17 -29.84
N GLU B 180 20.21 7.45 -30.03
CA GLU B 180 21.22 8.49 -30.15
C GLU B 180 22.07 8.61 -28.88
N LYS B 181 21.46 8.35 -27.72
CA LYS B 181 22.17 8.45 -26.46
C LYS B 181 23.01 7.23 -26.10
N GLY B 182 22.93 6.19 -26.92
CA GLY B 182 23.72 4.99 -26.67
C GLY B 182 23.07 3.94 -25.79
N PHE B 183 21.74 3.95 -25.70
CA PHE B 183 21.01 2.98 -24.88
C PHE B 183 19.84 2.37 -25.64
N THR B 184 19.25 1.34 -25.04
CA THR B 184 18.08 0.67 -25.60
C THR B 184 17.26 0.08 -24.43
N SER B 185 15.95 0.23 -24.52
CA SER B 185 15.06 -0.27 -23.47
C SER B 185 14.89 -1.78 -23.48
N LEU B 186 14.89 -2.38 -22.29
CA LEU B 186 14.75 -3.83 -22.15
C LEU B 186 13.58 -4.28 -21.29
N VAL B 187 13.42 -3.66 -20.12
CA VAL B 187 12.34 -4.02 -19.21
C VAL B 187 11.73 -2.77 -18.61
N VAL B 188 10.41 -2.79 -18.47
CA VAL B 188 9.69 -1.67 -17.88
C VAL B 188 9.12 -2.17 -16.56
N VAL B 189 9.33 -1.42 -15.49
CA VAL B 189 8.85 -1.83 -14.18
C VAL B 189 8.02 -0.78 -13.44
N PRO B 190 6.69 -0.88 -13.52
CA PRO B 190 5.82 0.06 -12.82
C PRO B 190 5.92 -0.29 -11.33
N VAL B 191 5.97 0.74 -10.48
CA VAL B 191 6.09 0.54 -9.03
C VAL B 191 5.07 1.39 -8.30
N GLY B 192 4.41 0.79 -7.31
CA GLY B 192 3.41 1.52 -6.55
C GLY B 192 2.73 0.64 -5.53
N HIS B 193 1.41 0.70 -5.49
CA HIS B 193 0.61 -0.10 -4.57
C HIS B 193 -0.53 -0.75 -5.33
N HIS B 194 -0.75 -2.05 -5.13
CA HIS B 194 -1.82 -2.73 -5.86
C HIS B 194 -3.19 -2.39 -5.29
N SER B 195 -4.20 -2.40 -6.15
CA SER B 195 -5.55 -2.12 -5.68
C SER B 195 -6.22 -3.46 -5.40
N VAL B 196 -7.36 -3.44 -4.73
CA VAL B 196 -8.06 -4.69 -4.42
C VAL B 196 -8.46 -5.37 -5.71
N GLU B 197 -8.33 -4.63 -6.82
CA GLU B 197 -8.69 -5.11 -8.14
C GLU B 197 -7.61 -5.99 -8.77
N ASP B 198 -6.47 -6.08 -8.11
CA ASP B 198 -5.35 -6.87 -8.60
C ASP B 198 -5.64 -8.34 -8.31
N PHE B 199 -6.20 -9.05 -9.29
CA PHE B 199 -6.52 -10.45 -9.08
C PHE B 199 -5.31 -11.32 -8.74
N ASN B 200 -4.13 -10.91 -9.19
CA ASN B 200 -2.93 -11.69 -8.93
C ASN B 200 -2.40 -11.56 -7.51
N ALA B 201 -2.96 -10.63 -6.75
CA ALA B 201 -2.53 -10.41 -5.38
C ALA B 201 -2.95 -11.55 -4.46
N THR B 202 -4.02 -12.26 -4.83
CA THR B 202 -4.52 -13.34 -3.99
C THR B 202 -4.37 -14.75 -4.59
N LEU B 203 -3.82 -14.85 -5.79
CA LEU B 203 -3.62 -16.16 -6.42
C LEU B 203 -2.34 -16.76 -5.85
N PRO B 204 -2.33 -18.07 -5.60
CA PRO B 204 -1.10 -18.64 -5.05
C PRO B 204 0.04 -18.61 -6.06
N LYS B 205 1.26 -18.45 -5.57
CA LYS B 205 2.41 -18.41 -6.46
C LYS B 205 2.67 -19.82 -6.96
N SER B 206 3.20 -19.94 -8.17
CA SER B 206 3.47 -21.26 -8.74
C SER B 206 4.86 -21.38 -9.34
N ARG B 207 5.57 -22.43 -8.94
CA ARG B 207 6.92 -22.69 -9.43
C ARG B 207 7.08 -24.20 -9.54
N LEU B 208 7.91 -24.64 -10.47
CA LEU B 208 8.17 -26.06 -10.65
C LEU B 208 8.88 -26.58 -9.40
N PRO B 209 8.76 -27.88 -9.11
CA PRO B 209 9.38 -28.50 -7.93
C PRO B 209 10.91 -28.45 -7.90
N LEU B 210 11.47 -28.38 -6.70
CA LEU B 210 12.92 -28.33 -6.55
C LEU B 210 13.57 -29.59 -7.12
N SER B 211 12.89 -30.72 -6.97
CA SER B 211 13.42 -31.99 -7.48
C SER B 211 13.68 -31.91 -8.98
N THR B 212 13.03 -30.95 -9.65
CA THR B 212 13.20 -30.77 -11.08
C THR B 212 14.24 -29.70 -11.43
N ILE B 213 14.21 -28.56 -10.73
CA ILE B 213 15.14 -27.48 -11.03
C ILE B 213 16.50 -27.46 -10.32
N VAL B 214 16.65 -28.28 -9.27
CA VAL B 214 17.91 -28.30 -8.54
C VAL B 214 18.60 -29.66 -8.51
N THR B 215 19.92 -29.63 -8.66
CA THR B 215 20.75 -30.83 -8.61
C THR B 215 21.75 -30.58 -7.48
N GLU B 216 21.77 -31.45 -6.49
CA GLU B 216 22.69 -31.28 -5.37
C GLU B 216 23.87 -32.23 -5.52
N CYS B 217 25.04 -31.78 -5.12
CA CYS B 217 26.25 -32.59 -5.20
C CYS B 217 27.30 -32.06 -4.24
N ASP C 2 -18.47 15.14 32.66
CA ASP C 2 -18.68 16.22 31.65
C ASP C 2 -18.13 15.79 30.29
N ILE C 3 -19.01 15.71 29.30
CA ILE C 3 -18.59 15.29 27.97
C ILE C 3 -17.66 16.29 27.28
N ILE C 4 -17.77 17.57 27.63
CA ILE C 4 -16.89 18.57 27.02
C ILE C 4 -15.47 18.35 27.51
N SER C 5 -15.32 17.98 28.79
CA SER C 5 -14.00 17.71 29.35
C SER C 5 -13.41 16.50 28.64
N VAL C 6 -14.26 15.53 28.32
CA VAL C 6 -13.81 14.34 27.61
C VAL C 6 -13.32 14.74 26.22
N ALA C 7 -14.14 15.51 25.50
CA ALA C 7 -13.77 15.94 24.16
C ALA C 7 -12.45 16.71 24.16
N LEU C 8 -12.22 17.49 25.22
CA LEU C 8 -11.00 18.28 25.32
C LEU C 8 -9.80 17.50 25.86
N LYS C 9 -10.06 16.32 26.43
CA LYS C 9 -8.98 15.50 26.99
C LYS C 9 -8.56 14.32 26.11
N ARG C 10 -9.50 13.75 25.36
CA ARG C 10 -9.18 12.62 24.49
C ARG C 10 -8.14 13.04 23.45
N HIS C 11 -7.33 12.09 22.98
CA HIS C 11 -6.29 12.36 21.99
C HIS C 11 -5.94 11.10 21.21
N SER C 12 -5.31 11.27 20.05
CA SER C 12 -4.90 10.12 19.26
C SER C 12 -3.66 9.53 19.92
N THR C 13 -3.79 8.32 20.45
CA THR C 13 -2.68 7.65 21.11
C THR C 13 -1.67 7.15 20.08
N LYS C 14 -0.40 7.45 20.33
CA LYS C 14 0.66 7.06 19.40
C LYS C 14 1.43 5.83 19.86
N ALA C 15 1.15 5.38 21.08
CA ALA C 15 1.81 4.20 21.63
C ALA C 15 0.94 3.59 22.73
N PHE C 16 0.70 2.28 22.64
CA PHE C 16 -0.12 1.57 23.62
C PHE C 16 0.66 0.61 24.51
N ASP C 17 0.11 0.37 25.70
CA ASP C 17 0.70 -0.54 26.67
C ASP C 17 0.17 -1.93 26.32
N ALA C 18 1.03 -2.77 25.76
CA ALA C 18 0.65 -4.12 25.37
C ALA C 18 0.28 -5.04 26.53
N SER C 19 0.60 -4.61 27.75
CA SER C 19 0.31 -5.43 28.91
C SER C 19 -1.01 -5.09 29.58
N LYS C 20 -1.69 -4.07 29.07
CA LYS C 20 -2.97 -3.67 29.65
C LYS C 20 -4.15 -3.95 28.71
N LYS C 21 -4.87 -5.03 29.00
CA LYS C 21 -6.02 -5.43 28.20
C LYS C 21 -7.31 -4.83 28.73
N LEU C 22 -8.30 -4.72 27.86
CA LEU C 22 -9.60 -4.20 28.28
C LEU C 22 -10.19 -5.30 29.14
N THR C 23 -11.08 -4.93 30.05
CA THR C 23 -11.73 -5.92 30.88
C THR C 23 -12.79 -6.56 29.98
N ALA C 24 -13.36 -7.68 30.42
CA ALA C 24 -14.37 -8.35 29.62
C ALA C 24 -15.56 -7.43 29.43
N GLU C 25 -15.92 -6.71 30.48
CA GLU C 25 -17.04 -5.78 30.44
C GLU C 25 -16.79 -4.62 29.48
N GLU C 26 -15.56 -4.14 29.43
CA GLU C 26 -15.24 -3.03 28.53
C GLU C 26 -15.31 -3.52 27.08
N ALA C 27 -14.86 -4.76 26.86
CA ALA C 27 -14.89 -5.34 25.52
C ALA C 27 -16.33 -5.42 25.01
N GLU C 28 -17.26 -5.74 25.91
CA GLU C 28 -18.67 -5.84 25.52
C GLU C 28 -19.23 -4.45 25.24
N LYS C 29 -18.83 -3.48 26.05
CA LYS C 29 -19.31 -2.11 25.89
C LYS C 29 -18.89 -1.44 24.59
N ILE C 30 -17.66 -1.70 24.12
CA ILE C 30 -17.23 -1.08 22.87
C ILE C 30 -18.01 -1.65 21.70
N LYS C 31 -18.41 -2.93 21.80
CA LYS C 31 -19.18 -3.55 20.72
C LYS C 31 -20.57 -2.92 20.72
N THR C 32 -21.08 -2.59 21.91
CA THR C 32 -22.38 -1.96 22.02
C THR C 32 -22.31 -0.62 21.30
N LEU C 33 -21.20 0.10 21.50
CA LEU C 33 -21.00 1.40 20.85
C LEU C 33 -21.01 1.29 19.33
N LEU C 34 -20.36 0.25 18.80
CA LEU C 34 -20.32 0.06 17.35
C LEU C 34 -21.70 -0.21 16.80
N GLN C 35 -22.42 -1.08 17.48
CA GLN C 35 -23.76 -1.50 17.08
C GLN C 35 -24.84 -0.42 17.14
N TYR C 36 -24.85 0.38 18.19
CA TYR C 36 -25.88 1.38 18.35
C TYR C 36 -25.69 2.77 17.75
N SER C 37 -24.64 2.94 16.97
CA SER C 37 -24.41 4.22 16.30
C SER C 37 -25.58 4.46 15.35
N PRO C 38 -25.98 5.72 15.16
CA PRO C 38 -27.09 5.97 14.24
C PRO C 38 -26.53 5.93 12.80
N SER C 39 -27.43 5.98 11.82
CA SER C 39 -27.05 5.96 10.41
C SER C 39 -28.28 6.35 9.60
N SER C 40 -28.07 6.85 8.38
CA SER C 40 -29.19 7.27 7.53
C SER C 40 -30.16 6.11 7.33
N THR C 41 -31.46 6.35 7.59
CA THR C 41 -32.51 5.34 7.48
C THR C 41 -32.20 4.08 8.29
N ASN C 42 -31.29 4.20 9.25
CA ASN C 42 -30.88 3.07 10.07
C ASN C 42 -30.36 1.98 9.16
N SER C 43 -29.71 2.39 8.08
CA SER C 43 -29.16 1.46 7.09
C SER C 43 -28.03 0.58 7.64
N GLN C 44 -27.38 1.01 8.71
CA GLN C 44 -26.29 0.21 9.31
C GLN C 44 -25.50 -0.54 8.24
N PRO C 45 -24.97 0.17 7.22
CA PRO C 45 -24.20 -0.44 6.12
C PRO C 45 -22.77 -0.76 6.52
N TRP C 46 -22.61 -1.51 7.60
CA TRP C 46 -21.28 -1.79 8.09
C TRP C 46 -21.00 -3.17 8.65
N HIS C 47 -19.72 -3.42 8.91
CA HIS C 47 -19.26 -4.65 9.53
C HIS C 47 -18.00 -4.26 10.28
N PHE C 48 -17.76 -4.90 11.41
CA PHE C 48 -16.58 -4.59 12.21
C PHE C 48 -15.78 -5.83 12.56
N ILE C 49 -14.47 -5.73 12.43
CA ILE C 49 -13.58 -6.81 12.81
C ILE C 49 -12.97 -6.31 14.12
N VAL C 50 -13.14 -7.08 15.19
CA VAL C 50 -12.58 -6.67 16.47
C VAL C 50 -11.52 -7.69 16.83
N ALA C 51 -10.26 -7.34 16.57
CA ALA C 51 -9.14 -8.22 16.85
C ALA C 51 -8.59 -7.94 18.24
N SER C 52 -8.55 -8.97 19.08
CA SER C 52 -8.06 -8.82 20.44
C SER C 52 -6.94 -9.81 20.76
N THR C 53 -6.78 -10.83 19.92
CA THR C 53 -5.75 -11.82 20.16
C THR C 53 -4.44 -11.37 19.51
N GLU C 54 -3.34 -11.97 19.94
CA GLU C 54 -2.03 -11.63 19.39
C GLU C 54 -2.01 -11.90 17.89
N GLU C 55 -2.49 -13.07 17.49
CA GLU C 55 -2.50 -13.43 16.07
C GLU C 55 -3.48 -12.59 15.25
N GLY C 56 -4.60 -12.22 15.85
CA GLY C 56 -5.59 -11.43 15.15
C GLY C 56 -5.08 -10.03 14.87
N LYS C 57 -4.43 -9.43 15.85
CA LYS C 57 -3.88 -8.09 15.67
C LYS C 57 -2.71 -8.11 14.70
N ALA C 58 -1.98 -9.23 14.67
CA ALA C 58 -0.86 -9.36 13.76
C ALA C 58 -1.40 -9.35 12.33
N ARG C 59 -2.55 -9.99 12.13
CA ARG C 59 -3.17 -10.04 10.81
C ARG C 59 -3.58 -8.64 10.37
N VAL C 60 -4.18 -7.87 11.26
CA VAL C 60 -4.61 -6.50 10.94
C VAL C 60 -3.37 -5.65 10.68
N ALA C 61 -2.33 -5.86 11.49
CA ALA C 61 -1.08 -5.10 11.37
C ALA C 61 -0.39 -5.29 10.03
N LYS C 62 -0.76 -6.33 9.30
CA LYS C 62 -0.15 -6.57 7.99
C LYS C 62 -0.45 -5.39 7.07
N SER C 63 -1.56 -4.69 7.33
CA SER C 63 -1.94 -3.54 6.51
C SER C 63 -1.09 -2.30 6.81
N ALA C 64 -0.32 -2.35 7.90
CA ALA C 64 0.52 -1.22 8.27
C ALA C 64 1.98 -1.40 7.86
N ALA C 65 2.32 -2.57 7.32
CA ALA C 65 3.69 -2.82 6.90
C ALA C 65 4.09 -1.87 5.76
N GLY C 66 5.38 -1.83 5.47
CA GLY C 66 5.86 -0.98 4.39
C GLY C 66 5.70 0.51 4.60
N THR C 67 5.01 1.15 3.66
CA THR C 67 4.78 2.59 3.68
C THR C 67 4.15 3.11 4.97
N TYR C 68 3.24 2.35 5.56
CA TYR C 68 2.55 2.80 6.77
C TYR C 68 3.10 2.18 8.04
N VAL C 69 4.36 1.78 8.02
CA VAL C 69 4.99 1.17 9.18
C VAL C 69 4.88 2.03 10.44
N PHE C 70 4.74 3.35 10.27
CA PHE C 70 4.64 4.23 11.42
C PHE C 70 3.39 3.96 12.26
N ASN C 71 2.46 3.19 11.70
CA ASN C 71 1.21 2.85 12.40
C ASN C 71 1.20 1.39 12.90
N GLU C 72 2.20 0.62 12.51
CA GLU C 72 2.24 -0.80 12.89
C GLU C 72 2.12 -1.15 14.37
N ARG C 73 2.96 -0.54 15.21
CA ARG C 73 2.92 -0.86 16.64
C ARG C 73 1.63 -0.45 17.33
N LYS C 74 0.93 0.54 16.78
CA LYS C 74 -0.34 0.97 17.36
C LYS C 74 -1.31 -0.20 17.26
N MET C 75 -1.26 -0.89 16.14
CA MET C 75 -2.14 -2.03 15.89
C MET C 75 -1.73 -3.27 16.67
N LEU C 76 -0.43 -3.49 16.81
CA LEU C 76 0.07 -4.66 17.50
C LEU C 76 -0.08 -4.60 19.02
N ASP C 77 0.29 -3.45 19.61
CA ASP C 77 0.26 -3.30 21.06
C ASP C 77 -1.06 -2.94 21.74
N ALA C 78 -2.01 -2.39 21.00
CA ALA C 78 -3.29 -2.04 21.60
C ALA C 78 -3.98 -3.32 22.02
N SER C 79 -4.90 -3.21 22.99
CA SER C 79 -5.64 -4.35 23.50
C SER C 79 -6.60 -4.90 22.45
N HIS C 80 -7.49 -4.03 21.96
CA HIS C 80 -8.47 -4.41 20.94
C HIS C 80 -8.32 -3.48 19.75
N VAL C 81 -8.38 -4.03 18.55
CA VAL C 81 -8.25 -3.23 17.34
C VAL C 81 -9.51 -3.41 16.50
N VAL C 82 -10.22 -2.31 16.25
CA VAL C 82 -11.46 -2.37 15.47
C VAL C 82 -11.25 -1.91 14.05
N VAL C 83 -11.67 -2.74 13.10
CA VAL C 83 -11.57 -2.37 11.70
C VAL C 83 -12.98 -2.01 11.27
N PHE C 84 -13.19 -0.74 10.94
CA PHE C 84 -14.50 -0.28 10.49
C PHE C 84 -14.60 -0.54 9.00
N CYS C 85 -15.62 -1.30 8.59
CA CYS C 85 -15.81 -1.62 7.18
C CYS C 85 -17.18 -1.20 6.70
N ALA C 86 -17.25 -0.81 5.43
CA ALA C 86 -18.52 -0.41 4.84
C ALA C 86 -18.88 -1.46 3.79
N LYS C 87 -20.18 -1.62 3.53
CA LYS C 87 -20.62 -2.54 2.50
C LYS C 87 -20.12 -1.90 1.20
N THR C 88 -19.89 -2.69 0.15
CA THR C 88 -19.40 -2.12 -1.11
C THR C 88 -20.54 -1.71 -2.05
N ALA C 89 -21.74 -2.21 -1.76
CA ALA C 89 -22.91 -1.88 -2.55
C ALA C 89 -24.13 -2.12 -1.66
N MET C 90 -25.19 -1.33 -1.84
CA MET C 90 -26.38 -1.50 -1.03
C MET C 90 -27.37 -2.42 -1.73
N ASP C 91 -27.50 -3.63 -1.21
CA ASP C 91 -28.41 -4.63 -1.77
C ASP C 91 -29.77 -4.59 -1.08
N ASP C 92 -30.81 -4.96 -1.82
CA ASP C 92 -32.17 -4.99 -1.29
C ASP C 92 -32.27 -5.89 -0.05
N ALA C 93 -31.56 -7.00 -0.06
CA ALA C 93 -31.59 -7.94 1.06
C ALA C 93 -31.23 -7.29 2.38
N TRP C 94 -30.19 -6.45 2.38
CA TRP C 94 -29.78 -5.76 3.59
C TRP C 94 -30.88 -4.82 4.06
N LEU C 95 -31.50 -4.11 3.12
CA LEU C 95 -32.58 -3.20 3.46
C LEU C 95 -33.77 -3.93 4.09
N GLU C 96 -34.07 -5.14 3.61
CA GLU C 96 -35.17 -5.92 4.16
C GLU C 96 -34.81 -6.30 5.59
N ARG C 97 -33.56 -6.72 5.78
CA ARG C 97 -33.09 -7.10 7.10
C ARG C 97 -33.30 -5.98 8.10
N VAL C 98 -32.98 -4.76 7.70
CA VAL C 98 -33.13 -3.61 8.58
C VAL C 98 -34.59 -3.39 9.00
N VAL C 99 -35.49 -3.34 8.03
CA VAL C 99 -36.90 -3.10 8.37
C VAL C 99 -37.52 -4.28 9.12
N ASP C 100 -37.11 -5.51 8.78
CA ASP C 100 -37.65 -6.67 9.48
C ASP C 100 -37.19 -6.68 10.93
N GLN C 101 -35.94 -6.25 11.17
CA GLN C 101 -35.43 -6.19 12.53
C GLN C 101 -36.17 -5.09 13.31
N GLU C 102 -36.47 -3.97 12.65
CA GLU C 102 -37.20 -2.89 13.32
C GLU C 102 -38.60 -3.39 13.71
N GLU C 103 -39.22 -4.19 12.85
CA GLU C 103 -40.54 -4.74 13.16
C GLU C 103 -40.42 -5.68 14.35
N ALA C 104 -39.40 -6.53 14.32
CA ALA C 104 -39.19 -7.47 15.41
C ALA C 104 -38.97 -6.72 16.72
N ASP C 105 -38.30 -5.56 16.64
CA ASP C 105 -38.05 -4.77 17.84
C ASP C 105 -39.23 -3.92 18.29
N GLY C 106 -40.36 -4.06 17.59
CA GLY C 106 -41.57 -3.33 17.94
C GLY C 106 -41.65 -1.85 17.62
N ARG C 107 -41.03 -1.43 16.52
CA ARG C 107 -41.07 -0.02 16.14
C ARG C 107 -42.25 0.35 15.25
N PHE C 108 -43.03 -0.64 14.84
CA PHE C 108 -44.20 -0.39 13.99
C PHE C 108 -45.50 -0.82 14.67
N ASN C 109 -46.50 0.04 14.64
CA ASN C 109 -47.77 -0.31 15.28
C ASN C 109 -48.79 -0.89 14.30
N THR C 110 -48.48 -0.83 13.01
CA THR C 110 -49.35 -1.39 11.97
C THR C 110 -48.52 -1.84 10.78
N PRO C 111 -49.08 -2.74 9.94
CA PRO C 111 -48.33 -3.20 8.78
C PRO C 111 -48.11 -2.03 7.82
N GLU C 112 -49.05 -1.09 7.82
CA GLU C 112 -48.94 0.09 6.97
C GLU C 112 -47.73 0.91 7.37
N ALA C 113 -47.51 1.00 8.68
CA ALA C 113 -46.38 1.76 9.21
C ALA C 113 -45.06 1.18 8.71
N LYS C 114 -44.97 -0.14 8.71
CA LYS C 114 -43.76 -0.82 8.25
C LYS C 114 -43.54 -0.58 6.76
N ALA C 115 -44.61 -0.72 5.98
CA ALA C 115 -44.53 -0.51 4.53
C ALA C 115 -44.07 0.91 4.21
N ALA C 116 -44.57 1.88 4.97
CA ALA C 116 -44.19 3.28 4.75
C ALA C 116 -42.71 3.48 5.06
N ASN C 117 -42.24 2.83 6.10
CA ASN C 117 -40.82 2.92 6.50
C ASN C 117 -39.96 2.24 5.45
N HIS C 118 -40.47 1.13 4.91
CA HIS C 118 -39.76 0.39 3.87
C HIS C 118 -39.65 1.24 2.61
N LYS C 119 -40.77 1.84 2.20
CA LYS C 119 -40.80 2.66 0.99
C LYS C 119 -39.86 3.86 1.11
N GLY C 120 -39.87 4.50 2.28
CA GLY C 120 -38.99 5.64 2.47
C GLY C 120 -37.52 5.25 2.37
N ARG C 121 -37.15 4.14 2.98
CA ARG C 121 -35.76 3.69 2.93
C ARG C 121 -35.35 3.38 1.48
N THR C 122 -36.24 2.75 0.74
CA THR C 122 -35.95 2.41 -0.65
C THR C 122 -35.75 3.69 -1.47
N TYR C 123 -36.52 4.72 -1.15
CA TYR C 123 -36.43 6.00 -1.86
C TYR C 123 -35.02 6.58 -1.75
N PHE C 124 -34.51 6.63 -0.52
CA PHE C 124 -33.17 7.17 -0.29
C PHE C 124 -32.09 6.27 -0.86
N ALA C 125 -32.25 4.96 -0.68
CA ALA C 125 -31.28 4.00 -1.20
C ALA C 125 -31.16 4.15 -2.72
N ASP C 126 -32.32 4.22 -3.39
CA ASP C 126 -32.35 4.37 -4.85
C ASP C 126 -31.81 5.71 -5.31
N MET C 127 -31.97 6.73 -4.48
CA MET C 127 -31.46 8.06 -4.83
C MET C 127 -29.95 7.92 -5.02
N HIS C 128 -29.34 7.09 -4.19
CA HIS C 128 -27.90 6.87 -4.25
C HIS C 128 -27.50 5.76 -5.22
N ARG C 129 -28.23 4.65 -5.20
CA ARG C 129 -27.92 3.52 -6.09
C ARG C 129 -28.20 3.77 -7.55
N VAL C 130 -29.25 4.53 -7.84
CA VAL C 130 -29.64 4.82 -9.21
C VAL C 130 -29.27 6.21 -9.69
N ASP C 131 -29.94 7.21 -9.13
CA ASP C 131 -29.76 8.61 -9.52
C ASP C 131 -28.32 9.14 -9.44
N LEU C 132 -27.69 8.98 -8.28
CA LEU C 132 -26.34 9.49 -8.08
C LEU C 132 -25.21 8.48 -8.28
N LYS C 133 -25.54 7.20 -8.25
CA LYS C 133 -24.53 6.15 -8.40
C LYS C 133 -23.40 6.38 -7.39
N ASP C 134 -23.78 6.59 -6.13
CA ASP C 134 -22.79 6.82 -5.08
C ASP C 134 -23.14 6.13 -3.77
N ASP C 135 -23.84 4.99 -3.85
CA ASP C 135 -24.20 4.31 -2.61
C ASP C 135 -22.96 3.85 -1.84
N ASP C 136 -21.87 3.60 -2.54
CA ASP C 136 -20.65 3.18 -1.86
C ASP C 136 -20.15 4.32 -0.98
N GLN C 137 -20.19 5.54 -1.51
CA GLN C 137 -19.75 6.71 -0.74
C GLN C 137 -20.73 7.04 0.38
N TRP C 138 -22.03 6.93 0.08
CA TRP C 138 -23.08 7.20 1.05
C TRP C 138 -22.92 6.29 2.27
N MET C 139 -22.65 5.01 2.03
CA MET C 139 -22.49 4.04 3.11
C MET C 139 -21.18 4.28 3.86
N ALA C 140 -20.14 4.66 3.13
CA ALA C 140 -18.85 4.93 3.75
C ALA C 140 -18.99 6.10 4.72
N LYS C 141 -19.83 7.06 4.36
CA LYS C 141 -20.05 8.21 5.23
C LYS C 141 -20.74 7.81 6.53
N GLN C 142 -21.63 6.82 6.47
CA GLN C 142 -22.31 6.37 7.68
C GLN C 142 -21.28 5.70 8.59
N VAL C 143 -20.32 5.01 8.00
CA VAL C 143 -19.28 4.32 8.78
C VAL C 143 -18.40 5.35 9.47
N TYR C 144 -18.07 6.44 8.79
CA TYR C 144 -17.25 7.47 9.41
C TYR C 144 -17.99 8.10 10.58
N LEU C 145 -19.31 8.24 10.44
CA LEU C 145 -20.11 8.81 11.52
C LEU C 145 -20.01 7.85 12.71
N ASN C 146 -19.95 6.55 12.43
CA ASN C 146 -19.84 5.55 13.49
C ASN C 146 -18.48 5.74 14.18
N VAL C 147 -17.43 5.95 13.39
CA VAL C 147 -16.11 6.17 13.96
C VAL C 147 -16.13 7.39 14.88
N GLY C 148 -16.85 8.43 14.48
CA GLY C 148 -16.92 9.64 15.30
C GLY C 148 -17.58 9.36 16.63
N ASN C 149 -18.68 8.63 16.57
CA ASN C 149 -19.44 8.25 17.77
C ASN C 149 -18.53 7.41 18.67
N PHE C 150 -17.83 6.46 18.04
CA PHE C 150 -16.94 5.54 18.73
C PHE C 150 -15.78 6.19 19.49
N LEU C 151 -15.06 7.09 18.83
CA LEU C 151 -13.92 7.74 19.46
C LEU C 151 -14.31 8.50 20.73
N LEU C 152 -15.44 9.22 20.68
CA LEU C 152 -15.88 9.96 21.85
C LEU C 152 -16.33 8.96 22.91
N GLY C 153 -17.03 7.93 22.46
CA GLY C 153 -17.51 6.90 23.36
C GLY C 153 -16.41 6.25 24.17
N VAL C 154 -15.38 5.73 23.50
CA VAL C 154 -14.29 5.07 24.22
C VAL C 154 -13.57 6.09 25.11
N GLY C 155 -13.53 7.34 24.65
CA GLY C 155 -12.89 8.38 25.44
C GLY C 155 -13.65 8.56 26.74
N ALA C 156 -14.97 8.56 26.66
CA ALA C 156 -15.82 8.71 27.84
C ALA C 156 -15.66 7.52 28.77
N MET C 157 -15.27 6.38 28.21
CA MET C 157 -15.08 5.17 29.01
C MET C 157 -13.73 5.17 29.72
N GLY C 158 -12.90 6.16 29.42
CA GLY C 158 -11.59 6.24 30.04
C GLY C 158 -10.57 5.40 29.28
N LEU C 159 -10.90 5.05 28.05
CA LEU C 159 -10.00 4.26 27.23
C LEU C 159 -9.32 5.14 26.18
N ASP C 160 -8.15 4.72 25.73
CA ASP C 160 -7.40 5.45 24.73
C ASP C 160 -7.62 4.79 23.38
N ALA C 161 -7.46 5.56 22.32
CA ALA C 161 -7.64 5.02 20.98
C ALA C 161 -7.00 5.95 19.98
N VAL C 162 -7.00 5.54 18.73
CA VAL C 162 -6.44 6.35 17.67
C VAL C 162 -7.06 5.92 16.35
N PRO C 163 -7.67 6.86 15.62
CA PRO C 163 -8.26 6.52 14.33
C PRO C 163 -7.14 6.48 13.30
N ILE C 164 -7.17 5.48 12.42
CA ILE C 164 -6.12 5.32 11.44
C ILE C 164 -6.60 5.16 10.00
N GLU C 165 -6.09 6.03 9.12
CA GLU C 165 -6.40 5.97 7.69
C GLU C 165 -5.09 5.53 7.03
N GLY C 166 -4.02 5.60 7.79
CA GLY C 166 -2.70 5.22 7.29
C GLY C 166 -2.47 3.71 7.29
N PHE C 167 -3.20 3.00 6.43
CA PHE C 167 -3.05 1.56 6.30
C PHE C 167 -3.44 1.16 4.88
N ASP C 168 -2.98 0.00 4.44
CA ASP C 168 -3.27 -0.50 3.09
C ASP C 168 -4.58 -1.28 3.13
N ALA C 169 -5.67 -0.65 2.68
CA ALA C 169 -6.98 -1.29 2.70
C ALA C 169 -7.09 -2.49 1.76
N ALA C 170 -6.27 -2.51 0.72
CA ALA C 170 -6.29 -3.63 -0.22
C ALA C 170 -5.75 -4.83 0.52
N ILE C 171 -4.64 -4.65 1.22
CA ILE C 171 -4.05 -5.75 1.98
C ILE C 171 -4.99 -6.21 3.09
N LEU C 172 -5.57 -5.25 3.81
CA LEU C 172 -6.47 -5.59 4.90
C LEU C 172 -7.70 -6.36 4.37
N ASP C 173 -8.30 -5.88 3.29
CA ASP C 173 -9.46 -6.56 2.72
C ASP C 173 -9.09 -7.98 2.32
N GLU C 174 -7.94 -8.13 1.67
CA GLU C 174 -7.48 -9.43 1.22
C GLU C 174 -7.20 -10.38 2.39
N GLU C 175 -6.61 -9.87 3.46
CA GLU C 175 -6.30 -10.67 4.64
C GLU C 175 -7.53 -11.25 5.32
N PHE C 176 -8.63 -10.50 5.29
CA PHE C 176 -9.85 -10.96 5.94
C PHE C 176 -10.97 -11.39 5.00
N GLY C 177 -10.62 -11.59 3.72
CA GLY C 177 -11.59 -12.02 2.73
C GLY C 177 -12.83 -11.14 2.66
N LEU C 178 -12.64 -9.84 2.86
CA LEU C 178 -13.76 -8.90 2.85
C LEU C 178 -14.45 -8.68 1.51
N LYS C 179 -13.69 -8.68 0.43
CA LYS C 179 -14.25 -8.44 -0.90
C LYS C 179 -15.40 -9.40 -1.22
N GLU C 180 -15.15 -10.70 -1.08
CA GLU C 180 -16.18 -11.70 -1.36
C GLU C 180 -17.35 -11.54 -0.39
N LYS C 181 -17.08 -11.04 0.82
CA LYS C 181 -18.12 -10.84 1.82
C LYS C 181 -18.93 -9.57 1.58
N GLY C 182 -18.51 -8.77 0.62
CA GLY C 182 -19.22 -7.55 0.30
C GLY C 182 -18.87 -6.35 1.17
N PHE C 183 -17.64 -6.31 1.69
CA PHE C 183 -17.20 -5.20 2.52
C PHE C 183 -15.81 -4.71 2.16
N THR C 184 -15.46 -3.55 2.68
CA THR C 184 -14.14 -2.99 2.46
C THR C 184 -13.76 -2.14 3.67
N SER C 185 -12.50 -2.23 4.10
CA SER C 185 -12.03 -1.51 5.26
C SER C 185 -11.79 -0.02 5.00
N LEU C 186 -12.23 0.81 5.95
CA LEU C 186 -12.09 2.26 5.83
C LEU C 186 -11.20 2.89 6.90
N VAL C 187 -11.40 2.49 8.14
CA VAL C 187 -10.63 3.04 9.25
C VAL C 187 -10.31 1.97 10.29
N VAL C 188 -9.08 1.99 10.77
CA VAL C 188 -8.64 1.03 11.78
C VAL C 188 -8.52 1.82 13.08
N VAL C 189 -9.09 1.30 14.15
CA VAL C 189 -9.05 2.00 15.43
C VAL C 189 -8.57 1.14 16.60
N PRO C 190 -7.28 1.24 16.93
CA PRO C 190 -6.74 0.48 18.06
C PRO C 190 -7.30 1.10 19.34
N VAL C 191 -7.70 0.27 20.30
CA VAL C 191 -8.26 0.74 21.56
C VAL C 191 -7.56 0.04 22.72
N GLY C 192 -7.31 0.79 23.80
CA GLY C 192 -6.65 0.22 24.96
C GLY C 192 -6.20 1.31 25.92
N HIS C 193 -4.95 1.21 26.37
CA HIS C 193 -4.38 2.20 27.28
C HIS C 193 -3.04 2.67 26.71
N HIS C 194 -2.87 3.98 26.61
CA HIS C 194 -1.62 4.50 26.08
C HIS C 194 -0.46 4.12 26.98
N SER C 195 0.73 3.98 26.39
CA SER C 195 1.92 3.64 27.17
C SER C 195 2.64 4.93 27.54
N VAL C 196 3.59 4.81 28.45
CA VAL C 196 4.35 5.98 28.89
C VAL C 196 5.25 6.52 27.78
N GLU C 197 5.30 5.82 26.65
CA GLU C 197 6.12 6.26 25.53
C GLU C 197 5.29 7.04 24.50
N ASP C 198 4.01 7.22 24.78
CA ASP C 198 3.11 7.94 23.89
C ASP C 198 3.46 9.45 23.88
N PHE C 199 4.15 9.90 22.85
CA PHE C 199 4.56 11.31 22.76
C PHE C 199 3.43 12.31 22.55
N ASN C 200 2.25 11.84 22.18
CA ASN C 200 1.13 12.74 21.94
C ASN C 200 0.26 12.92 23.19
N ALA C 201 0.50 12.10 24.20
CA ALA C 201 -0.27 12.17 25.44
C ALA C 201 -0.16 13.49 26.17
N THR C 202 0.97 14.18 26.00
CA THR C 202 1.17 15.44 26.70
C THR C 202 0.97 16.71 25.88
N LEU C 203 1.10 16.61 24.56
CA LEU C 203 0.94 17.77 23.70
C LEU C 203 -0.46 18.39 23.74
N PRO C 204 -0.53 19.73 23.68
CA PRO C 204 -1.83 20.40 23.70
C PRO C 204 -2.61 20.16 22.42
N LYS C 205 -3.94 20.21 22.51
CA LYS C 205 -4.79 20.00 21.34
C LYS C 205 -4.78 21.27 20.51
N SER C 206 -4.95 21.12 19.21
CA SER C 206 -4.95 22.28 18.32
C SER C 206 -6.09 22.22 17.32
N ARG C 207 -6.87 23.29 17.25
CA ARG C 207 -7.98 23.39 16.31
C ARG C 207 -8.05 24.84 15.84
N LEU C 208 -8.54 25.04 14.62
CA LEU C 208 -8.69 26.39 14.10
C LEU C 208 -9.73 27.11 14.93
N PRO C 209 -9.66 28.44 14.98
CA PRO C 209 -10.62 29.26 15.77
C PRO C 209 -12.08 29.25 15.31
N LEU C 210 -12.98 29.37 16.28
CA LEU C 210 -14.41 29.38 16.00
C LEU C 210 -14.77 30.51 15.03
N SER C 211 -14.03 31.61 15.10
CA SER C 211 -14.30 32.74 14.22
C SER C 211 -14.12 32.34 12.76
N THR C 212 -13.35 31.28 12.52
CA THR C 212 -13.14 30.80 11.15
C THR C 212 -14.11 29.68 10.76
N ILE C 213 -14.29 28.71 11.65
CA ILE C 213 -15.15 27.56 11.34
C ILE C 213 -16.66 27.67 11.59
N VAL C 214 -17.09 28.64 12.39
CA VAL C 214 -18.52 28.77 12.68
C VAL C 214 -19.14 30.11 12.26
N THR C 215 -20.31 30.01 11.63
CA THR C 215 -21.07 31.19 11.21
C THR C 215 -22.38 31.13 11.99
N GLU C 216 -22.67 32.15 12.78
CA GLU C 216 -23.90 32.17 13.57
C GLU C 216 -24.99 33.00 12.89
N CYS C 217 -26.20 32.43 12.85
CA CYS C 217 -27.34 33.09 12.23
C CYS C 217 -28.63 32.89 13.03
N ASP D 2 -23.17 7.03 32.66
CA ASP D 2 -22.48 6.05 31.77
C ASP D 2 -22.71 6.43 30.31
N ILE D 3 -21.64 6.42 29.52
CA ILE D 3 -21.77 6.78 28.10
C ILE D 3 -22.55 5.72 27.33
N ILE D 4 -22.46 4.47 27.76
CA ILE D 4 -23.19 3.39 27.10
C ILE D 4 -24.69 3.60 27.33
N SER D 5 -25.04 4.13 28.50
CA SER D 5 -26.43 4.41 28.82
C SER D 5 -26.93 5.47 27.86
N VAL D 6 -26.07 6.45 27.59
CA VAL D 6 -26.38 7.54 26.68
C VAL D 6 -26.57 6.99 25.27
N ALA D 7 -25.67 6.11 24.86
CA ALA D 7 -25.74 5.51 23.52
C ALA D 7 -27.05 4.75 23.33
N LEU D 8 -27.48 4.06 24.38
CA LEU D 8 -28.72 3.27 24.31
C LEU D 8 -29.96 4.12 24.55
N LYS D 9 -29.76 5.36 24.99
CA LYS D 9 -30.89 6.25 25.28
C LYS D 9 -31.14 7.32 24.23
N ARG D 10 -30.08 7.90 23.67
CA ARG D 10 -30.24 8.94 22.67
C ARG D 10 -31.06 8.44 21.48
N HIS D 11 -31.73 9.35 20.79
CA HIS D 11 -32.54 8.97 19.64
C HIS D 11 -32.76 10.14 18.69
N SER D 12 -33.20 9.84 17.47
CA SER D 12 -33.48 10.86 16.49
C SER D 12 -34.84 11.50 16.81
N THR D 13 -34.78 12.73 17.31
CA THR D 13 -35.97 13.49 17.68
C THR D 13 -36.84 13.81 16.48
N LYS D 14 -38.11 13.45 16.55
CA LYS D 14 -39.04 13.70 15.45
C LYS D 14 -39.83 14.99 15.63
N ALA D 15 -39.79 15.55 16.83
CA ALA D 15 -40.50 16.79 17.12
C ALA D 15 -39.83 17.52 18.27
N PHE D 16 -39.60 18.82 18.10
CA PHE D 16 -38.96 19.62 19.13
C PHE D 16 -39.92 20.62 19.79
N ASP D 17 -39.63 20.94 21.05
CA ASP D 17 -40.42 21.89 21.83
C ASP D 17 -39.76 23.25 21.59
N ALA D 18 -40.39 24.08 20.77
CA ALA D 18 -39.84 25.39 20.43
C ALA D 18 -39.68 26.35 21.62
N SER D 19 -40.25 26.02 22.76
CA SER D 19 -40.14 26.89 23.93
C SER D 19 -38.93 26.57 24.80
N LYS D 20 -38.29 25.45 24.54
CA LYS D 20 -37.12 25.03 25.33
C LYS D 20 -35.81 25.35 24.61
N LYS D 21 -35.32 26.58 24.82
CA LYS D 21 -34.08 27.03 24.19
C LYS D 21 -32.86 26.59 24.98
N LEU D 22 -31.72 26.48 24.29
CA LEU D 22 -30.48 26.10 24.94
C LEU D 22 -30.00 27.30 25.76
N THR D 23 -29.24 27.03 26.80
CA THR D 23 -28.69 28.11 27.62
C THR D 23 -27.50 28.63 26.84
N ALA D 24 -27.00 29.80 27.22
CA ALA D 24 -25.84 30.37 26.55
C ALA D 24 -24.64 29.45 26.74
N GLU D 25 -24.57 28.80 27.91
CA GLU D 25 -23.46 27.89 28.19
C GLU D 25 -23.54 26.66 27.28
N GLU D 26 -24.76 26.17 27.05
CA GLU D 26 -24.96 25.00 26.19
C GLU D 26 -24.60 25.34 24.75
N ALA D 27 -24.88 26.57 24.34
CA ALA D 27 -24.55 26.99 22.97
C ALA D 27 -23.05 26.96 22.77
N GLU D 28 -22.31 27.45 23.76
CA GLU D 28 -20.86 27.44 23.68
C GLU D 28 -20.32 26.01 23.64
N LYS D 29 -20.91 25.14 24.45
CA LYS D 29 -20.47 23.75 24.51
C LYS D 29 -20.68 22.98 23.20
N ILE D 30 -21.81 23.22 22.54
CA ILE D 30 -22.05 22.51 21.28
C ILE D 30 -21.06 23.00 20.23
N LYS D 31 -20.66 24.27 20.31
CA LYS D 31 -19.70 24.80 19.35
C LYS D 31 -18.33 24.20 19.64
N THR D 32 -18.06 23.93 20.90
CA THR D 32 -16.78 23.33 21.28
C THR D 32 -16.71 21.92 20.73
N LEU D 33 -17.85 21.21 20.76
CA LEU D 33 -17.90 19.84 20.25
C LEU D 33 -17.61 19.83 18.75
N LEU D 34 -18.17 20.78 18.02
CA LEU D 34 -17.97 20.88 16.58
C LEU D 34 -16.50 21.15 16.28
N GLN D 35 -15.93 22.09 17.01
CA GLN D 35 -14.55 22.49 16.84
C GLN D 35 -13.50 21.41 17.18
N TYR D 36 -13.69 20.70 18.28
CA TYR D 36 -12.70 19.71 18.71
C TYR D 36 -12.80 18.28 18.20
N SER D 37 -13.68 18.05 17.24
CA SER D 37 -13.82 16.72 16.66
C SER D 37 -12.49 16.37 15.98
N PRO D 38 -12.10 15.09 15.98
CA PRO D 38 -10.85 14.75 15.30
C PRO D 38 -11.12 14.70 13.80
N SER D 39 -10.06 14.55 13.01
CA SER D 39 -10.18 14.45 11.56
C SER D 39 -8.84 14.01 11.02
N SER D 40 -8.82 13.36 9.85
CA SER D 40 -7.56 12.88 9.27
C SER D 40 -6.57 14.02 9.13
N THR D 41 -5.36 13.83 9.67
CA THR D 41 -4.29 14.84 9.65
C THR D 41 -4.75 16.16 10.27
N ASN D 42 -5.80 16.10 11.09
CA ASN D 42 -6.34 17.31 11.73
C ASN D 42 -6.71 18.31 10.62
N SER D 43 -7.09 17.78 9.46
CA SER D 43 -7.46 18.61 8.32
C SER D 43 -8.65 19.55 8.54
N GLN D 44 -9.53 19.23 9.48
CA GLN D 44 -10.70 20.07 9.80
C GLN D 44 -11.27 20.73 8.52
N PRO D 45 -11.65 19.91 7.53
CA PRO D 45 -12.20 20.43 6.26
C PRO D 45 -13.67 20.79 6.35
N TRP D 46 -14.01 21.61 7.34
CA TRP D 46 -15.40 21.92 7.57
C TRP D 46 -15.76 23.36 7.95
N HIS D 47 -17.05 23.62 7.90
CA HIS D 47 -17.59 24.90 8.30
C HIS D 47 -18.97 24.57 8.84
N PHE D 48 -19.41 25.30 9.84
CA PHE D 48 -20.70 25.05 10.45
C PHE D 48 -21.55 26.31 10.54
N ILE D 49 -22.82 26.19 10.17
CA ILE D 49 -23.73 27.31 10.30
C ILE D 49 -24.54 26.94 11.54
N VAL D 50 -24.52 27.80 12.55
CA VAL D 50 -25.29 27.53 13.75
C VAL D 50 -26.42 28.57 13.79
N ALA D 51 -27.60 28.14 13.39
CA ALA D 51 -28.76 29.01 13.33
C ALA D 51 -29.62 28.90 14.58
N SER D 52 -29.76 30.02 15.30
CA SER D 52 -30.55 30.05 16.51
C SER D 52 -31.66 31.10 16.48
N THR D 53 -31.58 32.04 15.54
CA THR D 53 -32.62 33.06 15.42
C THR D 53 -33.76 32.46 14.60
N GLU D 54 -34.95 33.01 14.74
CA GLU D 54 -36.10 32.48 13.99
C GLU D 54 -35.90 32.60 12.47
N GLU D 55 -35.40 33.74 12.01
CA GLU D 55 -35.18 33.92 10.58
C GLU D 55 -34.08 32.99 10.06
N GLY D 56 -33.08 32.73 10.90
CA GLY D 56 -31.99 31.86 10.50
C GLY D 56 -32.48 30.43 10.29
N LYS D 57 -33.24 29.93 11.25
CA LYS D 57 -33.76 28.58 11.13
C LYS D 57 -34.76 28.48 9.98
N ALA D 58 -35.52 29.56 9.75
CA ALA D 58 -36.49 29.56 8.66
C ALA D 58 -35.75 29.49 7.34
N ARG D 59 -34.57 30.12 7.28
CA ARG D 59 -33.77 30.10 6.07
C ARG D 59 -33.23 28.71 5.82
N VAL D 60 -32.82 28.03 6.88
CA VAL D 60 -32.32 26.66 6.71
C VAL D 60 -33.51 25.77 6.30
N ALA D 61 -34.64 25.97 6.96
CA ALA D 61 -35.87 25.19 6.71
C ALA D 61 -36.35 25.25 5.25
N LYS D 62 -35.86 26.23 4.50
CA LYS D 62 -36.24 26.35 3.10
C LYS D 62 -35.75 25.13 2.34
N SER D 63 -34.69 24.50 2.84
CA SER D 63 -34.10 23.32 2.19
C SER D 63 -34.98 22.09 2.33
N ALA D 64 -35.92 22.10 3.26
CA ALA D 64 -36.81 20.96 3.47
C ALA D 64 -38.02 21.11 2.54
N ALA D 65 -37.76 21.29 1.25
CA ALA D 65 -38.82 21.47 0.26
C ALA D 65 -39.26 20.16 -0.38
N GLY D 66 -40.34 20.22 -1.15
CA GLY D 66 -40.83 19.03 -1.81
C GLY D 66 -41.13 17.89 -0.85
N THR D 67 -40.64 16.70 -1.16
CA THR D 67 -40.87 15.54 -0.32
C THR D 67 -40.12 15.60 1.01
N TYR D 68 -39.21 16.56 1.13
CA TYR D 68 -38.43 16.71 2.36
C TYR D 68 -39.19 17.51 3.41
N VAL D 69 -40.43 17.89 3.11
CA VAL D 69 -41.22 18.68 4.04
C VAL D 69 -41.41 17.99 5.39
N PHE D 70 -41.21 16.68 5.44
CA PHE D 70 -41.37 15.94 6.70
C PHE D 70 -40.29 16.32 7.71
N ASN D 71 -39.28 17.09 7.27
CA ASN D 71 -38.21 17.54 8.15
C ASN D 71 -38.31 19.04 8.45
N GLU D 72 -39.26 19.73 7.82
CA GLU D 72 -39.39 21.16 8.03
C GLU D 72 -39.60 21.60 9.47
N ARG D 73 -40.60 21.04 10.14
CA ARG D 73 -40.87 21.44 11.52
C ARG D 73 -39.69 21.22 12.45
N LYS D 74 -38.91 20.16 12.21
CA LYS D 74 -37.75 19.88 13.05
C LYS D 74 -36.76 21.03 12.98
N MET D 75 -36.58 21.59 11.79
CA MET D 75 -35.65 22.71 11.61
C MET D 75 -36.17 24.01 12.21
N LEU D 76 -37.48 24.21 12.15
CA LEU D 76 -38.08 25.43 12.68
C LEU D 76 -38.23 25.42 14.21
N ASP D 77 -38.63 24.27 14.75
CA ASP D 77 -38.88 24.15 16.19
C ASP D 77 -37.70 23.94 17.14
N ALA D 78 -36.59 23.41 16.63
CA ALA D 78 -35.43 23.20 17.49
C ALA D 78 -34.83 24.54 17.94
N SER D 79 -34.14 24.53 19.07
CA SER D 79 -33.51 25.75 19.59
C SER D 79 -32.41 26.22 18.65
N HIS D 80 -31.48 25.34 18.36
CA HIS D 80 -30.36 25.63 17.48
C HIS D 80 -30.32 24.58 16.38
N VAL D 81 -29.93 25.00 15.18
CA VAL D 81 -29.85 24.08 14.04
C VAL D 81 -28.45 24.22 13.44
N VAL D 82 -27.71 23.12 13.45
CA VAL D 82 -26.34 23.14 12.93
C VAL D 82 -26.27 22.58 11.51
N VAL D 83 -25.67 23.33 10.60
CA VAL D 83 -25.52 22.84 9.25
C VAL D 83 -24.06 22.45 9.08
N PHE D 84 -23.82 21.15 8.95
CA PHE D 84 -22.46 20.62 8.78
C PHE D 84 -22.07 20.73 7.31
N CYS D 85 -21.04 21.53 7.05
CA CYS D 85 -20.56 21.73 5.67
C CYS D 85 -19.13 21.26 5.50
N ALA D 86 -18.82 20.77 4.30
CA ALA D 86 -17.48 20.32 3.99
C ALA D 86 -16.91 21.26 2.95
N LYS D 87 -15.59 21.40 2.93
CA LYS D 87 -14.94 22.24 1.92
C LYS D 87 -15.22 21.51 0.61
N THR D 88 -15.29 22.27 -0.49
CA THR D 88 -15.55 21.67 -1.80
C THR D 88 -14.26 21.20 -2.48
N ALA D 89 -13.14 21.74 -2.05
CA ALA D 89 -11.84 21.37 -2.58
C ALA D 89 -10.79 21.69 -1.52
N MET D 90 -9.79 20.83 -1.39
CA MET D 90 -8.74 21.04 -0.40
C MET D 90 -7.62 21.86 -1.00
N ASP D 91 -7.50 23.11 -0.56
CA ASP D 91 -6.47 24.01 -1.06
C ASP D 91 -5.27 24.05 -0.12
N ASP D 92 -4.10 24.38 -0.67
CA ASP D 92 -2.87 24.47 0.10
C ASP D 92 -3.00 25.45 1.26
N ALA D 93 -3.66 26.58 0.98
CA ALA D 93 -3.84 27.62 1.98
C ALA D 93 -4.43 27.05 3.26
N TRP D 94 -5.43 26.19 3.13
CA TRP D 94 -6.06 25.60 4.31
C TRP D 94 -5.09 24.68 5.05
N LEU D 95 -4.39 23.83 4.32
CA LEU D 95 -3.42 22.92 4.93
C LEU D 95 -2.34 23.72 5.67
N GLU D 96 -1.98 24.86 5.10
CA GLU D 96 -0.96 25.74 5.67
C GLU D 96 -1.50 26.27 7.00
N ARG D 97 -2.77 26.66 6.98
CA ARG D 97 -3.45 27.19 8.18
C ARG D 97 -3.42 26.18 9.32
N VAL D 98 -3.72 24.92 8.99
CA VAL D 98 -3.74 23.87 9.99
C VAL D 98 -2.39 23.68 10.68
N VAL D 99 -1.32 23.59 9.89
CA VAL D 99 -0.01 23.40 10.49
C VAL D 99 0.48 24.63 11.26
N ASP D 100 0.15 25.82 10.77
CA ASP D 100 0.59 27.03 11.46
C ASP D 100 -0.15 27.20 12.78
N GLN D 101 -1.40 26.74 12.82
CA GLN D 101 -2.19 26.82 14.03
C GLN D 101 -1.59 25.83 15.03
N GLU D 102 -1.23 24.64 14.55
CA GLU D 102 -0.64 23.64 15.44
C GLU D 102 0.68 24.17 16.02
N GLU D 103 1.41 24.96 15.24
CA GLU D 103 2.65 25.54 15.73
C GLU D 103 2.36 26.54 16.85
N ALA D 104 1.40 27.42 16.59
CA ALA D 104 1.00 28.44 17.56
C ALA D 104 0.51 27.79 18.85
N ASP D 105 -0.10 26.62 18.76
CA ASP D 105 -0.60 25.93 19.94
C ASP D 105 0.47 25.11 20.66
N GLY D 106 1.70 25.15 20.17
CA GLY D 106 2.80 24.44 20.80
C GLY D 106 2.91 22.93 20.62
N ARG D 107 2.54 22.42 19.45
CA ARG D 107 2.62 20.99 19.22
C ARG D 107 3.95 20.54 18.61
N PHE D 108 4.81 21.49 18.25
CA PHE D 108 6.10 21.17 17.65
C PHE D 108 7.28 21.65 18.50
N ASN D 109 8.24 20.76 18.71
CA ASN D 109 9.44 21.03 19.50
C ASN D 109 10.53 21.70 18.66
N THR D 110 10.58 21.32 17.40
CA THR D 110 11.59 21.86 16.49
C THR D 110 10.99 22.16 15.13
N PRO D 111 11.71 22.93 14.30
CA PRO D 111 11.21 23.28 12.97
C PRO D 111 11.05 22.00 12.13
N GLU D 112 11.94 21.04 12.36
CA GLU D 112 11.89 19.78 11.64
C GLU D 112 10.58 19.06 11.92
N ALA D 113 10.14 19.08 13.17
CA ALA D 113 8.89 18.44 13.56
C ALA D 113 7.73 19.06 12.78
N LYS D 114 7.77 20.39 12.64
CA LYS D 114 6.72 21.08 11.91
C LYS D 114 6.78 20.72 10.45
N ALA D 115 7.98 20.68 9.89
CA ALA D 115 8.18 20.35 8.49
C ALA D 115 7.70 18.94 8.18
N ALA D 116 7.99 18.01 9.09
CA ALA D 116 7.58 16.63 8.92
C ALA D 116 6.06 16.54 8.94
N ASN D 117 5.44 17.28 9.84
CA ASN D 117 3.99 17.27 9.96
C ASN D 117 3.36 17.83 8.69
N HIS D 118 3.95 18.90 8.16
CA HIS D 118 3.45 19.51 6.93
C HIS D 118 3.53 18.53 5.76
N LYS D 119 4.67 17.87 5.62
CA LYS D 119 4.87 16.91 4.53
C LYS D 119 3.87 15.77 4.61
N GLY D 120 3.68 15.24 5.82
CA GLY D 120 2.75 14.15 6.01
C GLY D 120 1.34 14.52 5.58
N ARG D 121 0.86 15.68 6.03
CA ARG D 121 -0.47 16.14 5.68
C ARG D 121 -0.59 16.34 4.17
N THR D 122 0.46 16.90 3.56
CA THR D 122 0.47 17.14 2.12
C THR D 122 0.38 15.82 1.37
N TYR D 123 1.05 14.81 1.88
CA TYR D 123 1.03 13.49 1.24
C TYR D 123 -0.38 12.92 1.20
N PHE D 124 -1.04 12.90 2.35
CA PHE D 124 -2.41 12.40 2.44
C PHE D 124 -3.36 13.23 1.59
N ALA D 125 -3.24 14.55 1.70
CA ALA D 125 -4.10 15.46 0.95
C ALA D 125 -4.01 15.16 -0.55
N ASP D 126 -2.79 15.13 -1.08
CA ASP D 126 -2.58 14.88 -2.50
C ASP D 126 -3.17 13.54 -2.93
N MET D 127 -3.09 12.56 -2.04
CA MET D 127 -3.63 11.24 -2.31
C MET D 127 -5.10 11.34 -2.70
N HIS D 128 -5.74 12.43 -2.29
CA HIS D 128 -7.16 12.64 -2.59
C HIS D 128 -7.40 13.80 -3.55
N ARG D 129 -6.41 14.66 -3.74
CA ARG D 129 -6.56 15.81 -4.63
C ARG D 129 -6.07 15.54 -6.04
N VAL D 130 -4.75 15.45 -6.18
CA VAL D 130 -4.11 15.22 -7.46
C VAL D 130 -4.59 13.91 -8.07
N ASP D 131 -4.52 12.85 -7.28
CA ASP D 131 -4.90 11.51 -7.69
C ASP D 131 -6.40 11.33 -7.92
N LEU D 132 -7.01 10.42 -7.16
CA LEU D 132 -8.43 10.10 -7.25
C LEU D 132 -9.35 11.30 -7.47
N LYS D 133 -8.94 12.47 -6.99
CA LYS D 133 -9.76 13.67 -7.11
C LYS D 133 -11.01 13.45 -6.27
N ASP D 134 -10.86 12.69 -5.19
CA ASP D 134 -11.95 12.37 -4.28
C ASP D 134 -11.76 13.11 -2.98
N ASP D 135 -11.08 14.25 -3.02
CA ASP D 135 -10.86 15.02 -1.81
C ASP D 135 -12.23 15.51 -1.31
N ASP D 136 -13.14 15.77 -2.24
CA ASP D 136 -14.47 16.21 -1.84
C ASP D 136 -15.07 15.13 -0.95
N GLN D 137 -14.92 13.87 -1.37
CA GLN D 137 -15.43 12.72 -0.62
C GLN D 137 -14.66 12.47 0.67
N TRP D 138 -13.33 12.52 0.58
CA TRP D 138 -12.48 12.32 1.74
C TRP D 138 -12.84 13.34 2.80
N MET D 139 -13.02 14.60 2.39
CA MET D 139 -13.38 15.65 3.31
C MET D 139 -14.79 15.45 3.87
N ALA D 140 -15.73 15.08 3.00
CA ALA D 140 -17.10 14.86 3.45
C ALA D 140 -17.12 13.76 4.53
N LYS D 141 -16.22 12.79 4.41
CA LYS D 141 -16.17 11.72 5.38
C LYS D 141 -15.73 12.23 6.76
N GLN D 142 -14.81 13.19 6.78
CA GLN D 142 -14.35 13.76 8.05
C GLN D 142 -15.51 14.53 8.68
N VAL D 143 -16.34 15.14 7.84
CA VAL D 143 -17.49 15.90 8.34
C VAL D 143 -18.49 14.94 9.00
N TYR D 144 -18.73 13.79 8.39
CA TYR D 144 -19.65 12.82 8.97
C TYR D 144 -19.12 12.30 10.30
N LEU D 145 -17.80 12.17 10.40
CA LEU D 145 -17.20 11.71 11.64
C LEU D 145 -17.52 12.74 12.71
N ASN D 146 -17.45 14.00 12.33
CA ASN D 146 -17.75 15.10 13.24
C ASN D 146 -19.20 14.96 13.71
N VAL D 147 -20.10 14.66 12.76
CA VAL D 147 -21.51 14.50 13.10
C VAL D 147 -21.70 13.38 14.15
N GLY D 148 -20.99 12.27 13.97
CA GLY D 148 -21.11 11.17 14.91
C GLY D 148 -20.67 11.57 16.30
N ASN D 149 -19.55 12.30 16.36
CA ASN D 149 -19.01 12.80 17.63
C ASN D 149 -20.06 13.71 18.24
N PHE D 150 -20.59 14.60 17.40
CA PHE D 150 -21.60 15.56 17.83
C PHE D 150 -22.88 14.97 18.43
N LEU D 151 -23.46 13.98 17.75
CA LEU D 151 -24.71 13.38 18.22
C LEU D 151 -24.57 12.71 19.57
N LEU D 152 -23.45 12.04 19.81
CA LEU D 152 -23.23 11.39 21.09
C LEU D 152 -22.96 12.47 22.13
N GLY D 153 -22.21 13.48 21.72
CA GLY D 153 -21.88 14.58 22.61
C GLY D 153 -23.09 15.32 23.12
N VAL D 154 -24.00 15.71 22.24
CA VAL D 154 -25.19 16.43 22.70
C VAL D 154 -26.09 15.51 23.53
N GLY D 155 -26.07 14.22 23.22
CA GLY D 155 -26.87 13.29 23.99
C GLY D 155 -26.32 13.25 25.40
N ALA D 156 -24.99 13.29 25.51
CA ALA D 156 -24.32 13.26 26.80
C ALA D 156 -24.62 14.51 27.61
N MET D 157 -25.05 15.56 26.93
CA MET D 157 -25.39 16.83 27.59
C MET D 157 -26.87 16.83 27.97
N GLY D 158 -27.56 15.74 27.65
CA GLY D 158 -28.98 15.66 27.95
C GLY D 158 -29.84 16.44 26.97
N LEU D 159 -29.26 16.77 25.82
CA LEU D 159 -29.98 17.51 24.78
C LEU D 159 -30.47 16.56 23.70
N ASP D 160 -31.55 16.95 23.02
CA ASP D 160 -32.09 16.13 21.94
C ASP D 160 -31.60 16.67 20.62
N ALA D 161 -31.56 15.80 19.62
CA ALA D 161 -31.12 16.19 18.29
C ALA D 161 -31.59 15.17 17.28
N VAL D 162 -31.41 15.50 16.00
CA VAL D 162 -31.76 14.60 14.93
C VAL D 162 -30.90 14.91 13.71
N PRO D 163 -30.13 13.92 13.24
CA PRO D 163 -29.28 14.10 12.07
C PRO D 163 -30.20 14.05 10.86
N ILE D 164 -29.98 14.95 9.90
CA ILE D 164 -30.85 15.01 8.72
C ILE D 164 -30.13 15.07 7.37
N GLU D 165 -30.48 14.13 6.50
CA GLU D 165 -29.95 14.07 5.14
C GLU D 165 -31.11 14.42 4.21
N GLY D 166 -32.31 14.41 4.78
CA GLY D 166 -33.50 14.72 4.00
C GLY D 166 -33.71 16.21 3.77
N PHE D 167 -32.82 16.81 2.99
CA PHE D 167 -32.91 18.22 2.66
C PHE D 167 -32.25 18.44 1.30
N ASP D 168 -32.58 19.57 0.67
CA ASP D 168 -32.02 19.91 -0.63
C ASP D 168 -30.79 20.79 -0.40
N ALA D 169 -29.61 20.18 -0.51
CA ALA D 169 -28.37 20.90 -0.30
C ALA D 169 -28.14 22.00 -1.35
N ALA D 170 -28.69 21.82 -2.54
CA ALA D 170 -28.54 22.82 -3.59
C ALA D 170 -29.24 24.10 -3.13
N ILE D 171 -30.44 23.93 -2.57
CA ILE D 171 -31.21 25.06 -2.06
C ILE D 171 -30.52 25.68 -0.86
N LEU D 172 -30.03 24.85 0.06
CA LEU D 172 -29.37 25.34 1.25
C LEU D 172 -28.08 26.10 0.89
N ASP D 173 -27.30 25.53 -0.04
CA ASP D 173 -26.06 26.17 -0.47
C ASP D 173 -26.33 27.56 -1.06
N GLU D 174 -27.35 27.63 -1.92
CA GLU D 174 -27.72 28.89 -2.54
C GLU D 174 -28.19 29.90 -1.49
N GLU D 175 -28.99 29.44 -0.53
CA GLU D 175 -29.53 30.31 0.52
C GLU D 175 -28.45 30.94 1.39
N PHE D 176 -27.33 30.24 1.59
CA PHE D 176 -26.25 30.76 2.42
C PHE D 176 -24.97 31.05 1.63
N GLY D 177 -25.09 31.07 0.30
CA GLY D 177 -23.95 31.35 -0.56
C GLY D 177 -22.69 30.58 -0.21
N LEU D 178 -22.85 29.30 0.08
CA LEU D 178 -21.73 28.44 0.46
C LEU D 178 -20.80 28.12 -0.69
N LYS D 179 -21.33 27.95 -1.89
CA LYS D 179 -20.50 27.62 -3.05
C LYS D 179 -19.40 28.65 -3.25
N GLU D 180 -19.77 29.93 -3.23
CA GLU D 180 -18.79 30.99 -3.41
C GLU D 180 -17.78 30.99 -2.27
N LYS D 181 -18.23 30.59 -1.09
CA LYS D 181 -17.37 30.55 0.09
C LYS D 181 -16.50 29.29 0.14
N GLY D 182 -16.72 28.37 -0.80
CA GLY D 182 -15.94 27.15 -0.84
C GLY D 182 -16.42 26.01 0.05
N PHE D 183 -17.73 25.97 0.30
CA PHE D 183 -18.33 24.93 1.13
C PHE D 183 -19.63 24.40 0.52
N THR D 184 -20.06 23.23 1.00
CA THR D 184 -21.31 22.64 0.55
C THR D 184 -21.92 21.94 1.76
N SER D 185 -23.23 22.10 1.94
CA SER D 185 -23.92 21.50 3.08
C SER D 185 -24.11 19.98 2.90
N LEU D 186 -23.90 19.25 3.99
CA LEU D 186 -24.02 17.79 3.96
C LEU D 186 -25.07 17.22 4.91
N VAL D 187 -25.08 17.69 6.16
CA VAL D 187 -26.02 17.19 7.15
C VAL D 187 -26.57 18.33 8.01
N VAL D 188 -27.87 18.32 8.25
CA VAL D 188 -28.49 19.35 9.09
C VAL D 188 -28.85 18.67 10.41
N VAL D 189 -28.46 19.30 11.51
CA VAL D 189 -28.74 18.72 12.83
C VAL D 189 -29.43 19.67 13.79
N PRO D 190 -30.77 19.60 13.87
CA PRO D 190 -31.50 20.47 14.79
C PRO D 190 -31.19 19.99 16.22
N VAL D 191 -30.95 20.93 17.13
CA VAL D 191 -30.64 20.57 18.51
C VAL D 191 -31.56 21.33 19.46
N GLY D 192 -31.96 20.68 20.55
CA GLY D 192 -32.82 21.33 21.52
C GLY D 192 -33.39 20.32 22.49
N HIS D 193 -34.70 20.35 22.66
CA HIS D 193 -35.40 19.43 23.56
C HIS D 193 -36.64 18.94 22.84
N HIS D 194 -36.88 17.63 22.84
CA HIS D 194 -38.04 17.08 22.15
C HIS D 194 -39.35 17.48 22.83
N SER D 195 -40.45 17.34 22.10
CA SER D 195 -41.77 17.68 22.64
C SER D 195 -42.59 16.41 22.81
N VAL D 196 -43.83 16.57 23.27
CA VAL D 196 -44.71 15.42 23.45
C VAL D 196 -45.12 14.84 22.10
N GLU D 197 -44.80 15.56 21.02
CA GLU D 197 -45.14 15.10 19.68
C GLU D 197 -44.03 14.23 19.09
N ASP D 198 -42.95 14.06 19.84
CA ASP D 198 -41.83 13.24 19.38
C ASP D 198 -42.15 11.78 19.65
N PHE D 199 -42.84 11.14 18.70
CA PHE D 199 -43.24 9.75 18.84
C PHE D 199 -42.06 8.77 18.91
N ASN D 200 -40.88 9.22 18.48
CA ASN D 200 -39.72 8.35 18.49
C ASN D 200 -39.02 8.30 19.84
N ALA D 201 -39.46 9.15 20.77
CA ALA D 201 -38.86 9.21 22.10
C ALA D 201 -39.22 7.98 22.94
N THR D 202 -40.35 7.36 22.62
CA THR D 202 -40.80 6.20 23.38
C THR D 202 -40.59 4.85 22.70
N LEU D 203 -40.25 4.87 21.40
CA LEU D 203 -40.03 3.63 20.67
C LEU D 203 -38.70 2.97 21.01
N PRO D 204 -38.66 1.64 21.08
CA PRO D 204 -37.40 0.96 21.39
C PRO D 204 -36.42 1.11 20.23
N LYS D 205 -35.13 1.13 20.54
CA LYS D 205 -34.11 1.26 19.50
C LYS D 205 -34.00 -0.08 18.79
N SER D 206 -33.58 -0.05 17.53
CA SER D 206 -33.43 -1.28 16.76
C SER D 206 -32.15 -1.32 15.95
N ARG D 207 -31.38 -2.38 16.15
CA ARG D 207 -30.13 -2.58 15.43
C ARG D 207 -29.97 -4.06 15.13
N LEU D 208 -29.27 -4.38 14.04
CA LEU D 208 -29.03 -5.77 13.67
C LEU D 208 -28.17 -6.41 14.76
N PRO D 209 -28.28 -7.74 14.93
CA PRO D 209 -27.51 -8.46 15.95
C PRO D 209 -26.00 -8.46 15.76
N LEU D 210 -25.28 -8.52 16.89
CA LEU D 210 -23.84 -8.53 16.87
C LEU D 210 -23.30 -9.71 16.07
N SER D 211 -24.02 -10.84 16.12
CA SER D 211 -23.60 -12.03 15.40
C SER D 211 -23.49 -11.74 13.90
N THR D 212 -24.18 -10.70 13.45
CA THR D 212 -24.14 -10.33 12.04
C THR D 212 -23.12 -9.23 11.75
N ILE D 213 -23.12 -8.17 12.56
CA ILE D 213 -22.23 -7.03 12.31
C ILE D 213 -20.82 -7.08 12.86
N VAL D 214 -20.55 -7.97 13.80
CA VAL D 214 -19.20 -8.06 14.38
C VAL D 214 -18.52 -9.41 14.19
N THR D 215 -17.25 -9.36 13.82
CA THR D 215 -16.42 -10.55 13.64
C THR D 215 -15.28 -10.39 14.64
N GLU D 216 -15.10 -11.36 15.53
CA GLU D 216 -14.02 -11.27 16.51
C GLU D 216 -12.85 -12.18 16.17
N CYS D 217 -11.64 -11.65 16.29
CA CYS D 217 -10.42 -12.40 16.00
C CYS D 217 -9.33 -12.13 17.05
N1 FMN E . 34.12 -11.00 -8.88
C2 FMN E . 35.14 -11.93 -8.76
O2 FMN E . 35.91 -11.97 -7.85
N3 FMN E . 35.23 -12.85 -9.82
C4 FMN E . 34.38 -12.86 -10.92
O4 FMN E . 34.50 -13.69 -11.82
C4A FMN E . 33.31 -11.88 -11.00
N5 FMN E . 32.35 -11.82 -12.01
C5A FMN E . 31.06 -11.25 -11.95
C6 FMN E . 29.95 -11.53 -12.76
C7 FMN E . 28.68 -10.94 -12.58
C7M FMN E . 27.55 -11.34 -13.48
C8 FMN E . 28.49 -10.00 -11.53
C8M FMN E . 27.25 -9.26 -11.07
C9 FMN E . 29.61 -9.71 -10.74
C9A FMN E . 30.91 -10.27 -10.88
N10 FMN E . 32.12 -10.05 -10.06
C10 FMN E . 33.21 -10.97 -9.96
C1' FMN E . 32.08 -9.05 -8.92
C2' FMN E . 32.00 -7.61 -9.47
O2' FMN E . 33.27 -7.14 -9.76
C3' FMN E . 31.18 -6.81 -8.43
O3' FMN E . 29.76 -7.31 -8.31
C4' FMN E . 31.16 -5.25 -8.64
O4' FMN E . 32.55 -4.74 -8.69
C5' FMN E . 30.35 -4.40 -7.58
O5' FMN E . 30.83 -4.70 -6.27
P FMN E . 29.84 -5.39 -5.18
O1P FMN E . 29.31 -6.67 -5.60
O2P FMN E . 28.71 -4.45 -4.89
O3P FMN E . 30.75 -5.57 -3.97
N1 FMN F . 3.62 -9.58 -16.49
C2 FMN F . 2.72 -8.72 -17.08
O2 FMN F . 1.68 -8.44 -16.60
N3 FMN F . 3.14 -8.18 -18.31
C4 FMN F . 4.37 -8.47 -18.92
O4 FMN F . 4.68 -7.95 -19.99
C4A FMN F . 5.30 -9.36 -18.24
N5 FMN F . 6.59 -9.68 -18.67
C5A FMN F . 7.68 -10.06 -17.86
C6 FMN F . 9.05 -9.93 -18.13
C7 FMN F . 10.07 -10.32 -17.24
C7M FMN F . 11.50 -10.10 -17.62
C8 FMN F . 9.72 -10.92 -16.00
C8M FMN F . 10.57 -11.42 -14.85
C9 FMN F . 8.34 -11.07 -15.74
C9A FMN F . 7.29 -10.67 -16.60
N10 FMN F . 5.83 -10.73 -16.37
C10 FMN F . 4.89 -9.89 -17.04
C1' FMN F . 5.32 -11.33 -15.07
C2' FMN F . 5.45 -12.86 -15.07
O2' FMN F . 4.34 -13.44 -15.66
C3' FMN F . 5.70 -13.25 -13.58
O3' FMN F . 6.98 -12.68 -13.04
C4' FMN F . 5.66 -14.80 -13.28
O4' FMN F . 4.37 -15.36 -13.74
C5' FMN F . 5.86 -15.22 -11.78
O5' FMN F . 4.87 -14.57 -10.97
P FMN F . 5.32 -13.46 -9.88
O1P FMN F . 6.01 -12.33 -10.46
O2P FMN F . 6.20 -14.10 -8.86
O3P FMN F . 3.98 -13.02 -9.29
N1 FMN G . -3.13 9.30 13.38
C2 FMN G . -2.10 8.40 13.26
O2 FMN G . -1.23 8.27 14.07
N3 FMN G . -2.11 7.62 12.11
C4 FMN G . -3.10 7.71 11.11
O4 FMN G . -3.06 6.97 10.13
C4A FMN G . -4.18 8.67 11.27
N5 FMN G . -5.27 8.82 10.41
C5A FMN G . -6.55 9.31 10.73
C6 FMN G . -7.77 9.08 10.07
C7 FMN G . -9.02 9.62 10.49
C7M FMN G . -10.25 9.28 9.72
C8 FMN G . -9.05 10.46 11.64
C8M FMN G . -10.20 11.15 12.34
C9 FMN G . -7.83 10.69 12.29
C9A FMN G . -6.57 10.17 11.91
N10 FMN G . -5.26 10.33 12.59
C10 FMN G . -4.16 9.44 12.42
C1' FMN G . -5.21 11.18 13.83
C2' FMN G . -5.25 12.68 13.49
O2' FMN G . -3.99 13.14 13.19
C3' FMN G . -5.95 13.37 14.70
O3' FMN G . -7.36 12.91 14.88
C4' FMN G . -5.92 14.95 14.71
O4' FMN G . -4.52 15.42 14.60
C5' FMN G . -6.57 15.66 15.94
O5' FMN G . -5.88 15.27 17.13
P FMN G . -6.63 14.35 18.24
O1P FMN G . -7.08 13.08 17.71
O2P FMN G . -7.79 15.13 18.80
O3P FMN G . -5.56 14.12 19.29
N1 FMN H . -34.22 11.19 10.49
C2 FMN H . -35.21 12.09 10.14
O2 FMN H . -36.17 12.30 10.80
N3 FMN H . -34.97 12.79 8.94
C4 FMN H . -33.84 12.61 8.13
O4 FMN H . -33.70 13.26 7.09
C4A FMN H . -32.82 11.67 8.55
N5 FMN H . -31.62 11.42 7.90
C5A FMN H . -30.42 10.94 8.46
C6 FMN H . -29.12 11.15 8.01
C7 FMN H . -27.96 10.66 8.67
C7M FMN H . -26.61 10.96 8.12
C8 FMN H . -28.12 9.90 9.86
C8M FMN H . -27.08 9.29 10.79
C9 FMN H . -29.44 9.70 10.31
C9A FMN H . -30.60 10.18 9.69
N10 FMN H . -32.01 10.07 10.14
C10 FMN H . -33.05 10.97 9.74
C1' FMN H . -32.31 9.32 11.41
C2' FMN H . -32.18 7.80 11.23
O2' FMN H . -33.36 7.28 10.72
C3' FMN H . -31.74 7.28 12.60
O3' FMN H . -30.41 7.81 13.05
C4' FMN H . -31.75 5.70 12.76
O4' FMN H . -33.09 5.19 12.39
C5' FMN H . -31.39 5.09 14.15
O5' FMN H . -32.27 5.64 15.15
P FMN H . -31.68 6.62 16.28
O1P FMN H . -31.02 7.80 15.73
O2P FMN H . -30.70 5.89 17.16
O3P FMN H . -32.94 7.04 17.06
#